data_4IB5
#
_entry.id   4IB5
#
_cell.length_a   77.380
_cell.length_b   105.420
_cell.length_c   152.110
_cell.angle_alpha   90.00
_cell.angle_beta   90.00
_cell.angle_gamma   90.00
#
_symmetry.space_group_name_H-M   'P 21 21 21'
#
loop_
_entity.id
_entity.type
_entity.pdbx_description
1 polymer 'Casein kinase II subunit alpha'
2 polymer 'CK2beta-derived cyclic peptide'
3 non-polymer GLYCEROL
4 non-polymer 'CHLORIDE ION'
5 water water
#
loop_
_entity_poly.entity_id
_entity_poly.type
_entity_poly.pdbx_seq_one_letter_code
_entity_poly.pdbx_strand_id
1 'polypeptide(L)'
;MSGPVPSRARVYTDVNTHRPREYWDYESHVVEWGNQDDYQLVRKLGRGKYSEVFEAINITNNEKVVVKILKPVKKKKIKR
EIKILENLRGGPNIITLADIVKDPVSRTPALVFEHVNNTDFKQLYQTLTDYDIRFYMYEILKALDYCHSMGIMHRDVKPH
NVMIDHEHRKLRLIDWGLAEFYHPGQEYNVRVASRYFKGPELLVDYQMYDYSLDMWSLGCMLASMIFRKEPFFHGHDNYD
QLVRIAKVLGTEDLYDYIDKYNIELDPRFNDILGRHSRKRWERFVHSENQHLVSPEALDFLDKLLRYDHQSRLTAREAME
HPYFYTVVKDQARMG
;
A,B,C
2 'polypeptide(L)' GCRLYGFKIHGCG D,E,F,G
#
loop_
_chem_comp.id
_chem_comp.type
_chem_comp.name
_chem_comp.formula
CL non-polymer 'CHLORIDE ION' 'Cl -1'
GOL non-polymer GLYCEROL 'C3 H8 O3'
#
# COMPACT_ATOMS: atom_id res chain seq x y z
N SER A 2 32.74 -7.07 -20.81
CA SER A 2 33.19 -5.82 -20.23
C SER A 2 32.51 -5.58 -18.89
N GLY A 3 33.14 -6.07 -17.82
CA GLY A 3 32.58 -5.96 -16.49
C GLY A 3 32.99 -4.69 -15.77
N PRO A 4 32.52 -4.52 -14.52
CA PRO A 4 32.84 -3.33 -13.72
C PRO A 4 34.29 -3.27 -13.23
N VAL A 5 34.77 -2.03 -13.09
CA VAL A 5 36.10 -1.76 -12.58
C VAL A 5 36.15 -2.03 -11.08
N PRO A 6 37.19 -2.74 -10.62
CA PRO A 6 37.32 -3.04 -9.18
C PRO A 6 37.51 -1.77 -8.35
N SER A 7 37.19 -1.86 -7.07
CA SER A 7 37.34 -0.72 -6.16
C SER A 7 37.80 -1.19 -4.79
N ARG A 8 38.49 -0.31 -4.06
CA ARG A 8 38.95 -0.62 -2.72
C ARG A 8 38.65 0.55 -1.78
N ALA A 9 38.42 0.25 -0.51
CA ALA A 9 38.28 1.28 0.50
C ALA A 9 39.59 2.05 0.65
N ARG A 10 39.50 3.36 0.82
CA ARG A 10 40.69 4.21 1.00
C ARG A 10 41.27 4.05 2.40
N VAL A 11 40.47 3.54 3.33
CA VAL A 11 40.91 3.39 4.71
C VAL A 11 40.56 2.00 5.23
N TYR A 12 41.34 1.48 6.18
CA TYR A 12 41.08 0.20 6.84
C TYR A 12 40.89 -0.94 5.85
N THR A 13 41.59 -0.88 4.73
CA THR A 13 41.38 -1.84 3.64
C THR A 13 41.68 -3.28 4.05
N ASP A 14 42.69 -3.48 4.89
CA ASP A 14 43.17 -4.83 5.18
C ASP A 14 43.08 -5.22 6.66
N VAL A 15 42.17 -4.59 7.40
CA VAL A 15 42.02 -4.86 8.83
C VAL A 15 41.58 -6.31 9.11
N ASN A 16 40.72 -6.85 8.25
CA ASN A 16 40.22 -8.21 8.43
C ASN A 16 41.15 -9.30 7.91
N THR A 17 41.96 -8.96 6.91
CA THR A 17 42.91 -9.94 6.36
C THR A 17 43.99 -10.43 7.33
N HIS A 18 44.40 -9.54 8.23
CA HIS A 18 45.43 -9.80 9.25
C HIS A 18 44.85 -10.20 10.59
N ARG A 19 43.56 -10.50 10.64
CA ARG A 19 42.92 -10.88 11.89
C ARG A 19 42.67 -12.38 11.84
N PRO A 20 42.55 -13.02 13.03
CA PRO A 20 42.32 -14.45 12.91
C PRO A 20 40.98 -14.72 12.27
N ARG A 21 40.86 -15.91 11.68
CA ARG A 21 39.67 -16.32 10.97
C ARG A 21 38.41 -16.25 11.81
N GLU A 22 38.54 -16.63 13.07
CA GLU A 22 37.44 -16.64 14.03
C GLU A 22 36.74 -15.30 14.15
N TYR A 23 37.45 -14.21 13.85
CA TYR A 23 36.90 -12.87 13.95
C TYR A 23 35.80 -12.58 12.92
N TRP A 24 36.05 -12.91 11.66
CA TRP A 24 35.13 -12.53 10.59
C TRP A 24 34.31 -13.70 10.05
N ASP A 25 34.75 -14.92 10.33
CA ASP A 25 34.06 -16.12 9.86
C ASP A 25 32.86 -16.49 10.71
N TYR A 26 31.79 -15.70 10.59
CA TYR A 26 30.63 -15.86 11.45
C TYR A 26 29.87 -17.18 11.26
N GLU A 27 29.99 -17.78 10.08
CA GLU A 27 29.30 -19.03 9.80
C GLU A 27 29.82 -20.20 10.62
N SER A 28 31.04 -20.09 11.12
CA SER A 28 31.62 -21.17 11.92
C SER A 28 31.45 -20.87 13.41
N HIS A 29 30.90 -19.70 13.70
CA HIS A 29 30.69 -19.28 15.08
C HIS A 29 29.65 -20.18 15.76
N VAL A 30 29.97 -20.66 16.96
CA VAL A 30 29.01 -21.43 17.74
C VAL A 30 28.30 -20.57 18.78
N VAL A 31 26.99 -20.46 18.68
CA VAL A 31 26.26 -19.60 19.63
C VAL A 31 26.13 -20.31 20.98
N GLU A 32 26.43 -19.57 22.04
CA GLU A 32 26.27 -19.97 23.44
C GLU A 32 25.04 -19.35 24.11
N TRP A 33 24.09 -20.17 24.53
CA TRP A 33 22.81 -19.67 25.04
C TRP A 33 22.77 -19.37 26.53
N GLY A 34 22.15 -18.24 26.89
CA GLY A 34 21.95 -17.88 28.27
C GLY A 34 20.63 -18.42 28.80
N ASN A 35 20.16 -17.90 29.92
CA ASN A 35 18.92 -18.38 30.52
C ASN A 35 17.77 -17.42 30.19
N GLN A 36 16.81 -17.90 29.40
CA GLN A 36 15.69 -17.06 28.96
C GLN A 36 14.82 -16.61 30.14
N ASP A 37 14.81 -17.42 31.21
CA ASP A 37 14.02 -17.10 32.39
C ASP A 37 14.54 -15.86 33.12
N ASP A 38 15.73 -15.39 32.76
CA ASP A 38 16.27 -14.17 33.35
C ASP A 38 15.45 -12.96 32.93
N TYR A 39 14.79 -13.07 31.78
CA TYR A 39 14.18 -11.90 31.16
C TYR A 39 12.67 -12.01 30.99
N GLN A 40 11.99 -10.91 31.22
CA GLN A 40 10.54 -10.81 31.05
C GLN A 40 10.22 -9.54 30.29
N LEU A 41 9.31 -9.65 29.34
CA LEU A 41 8.98 -8.53 28.47
C LEU A 41 8.12 -7.54 29.25
N VAL A 42 8.41 -6.26 29.07
CA VAL A 42 7.71 -5.19 29.77
C VAL A 42 6.80 -4.46 28.80
N ARG A 43 7.35 -4.04 27.67
N ARG A 43 7.35 -4.02 27.67
CA ARG A 43 6.54 -3.38 26.66
CA ARG A 43 6.56 -3.32 26.67
C ARG A 43 7.22 -3.47 25.30
C ARG A 43 7.22 -3.34 25.28
N LYS A 44 6.40 -3.51 24.25
CA LYS A 44 6.90 -3.60 22.89
C LYS A 44 7.35 -2.23 22.44
N LEU A 45 8.40 -2.19 21.61
N LEU A 45 8.40 -2.19 21.63
CA LEU A 45 8.96 -0.92 21.15
CA LEU A 45 8.95 -0.93 21.14
C LEU A 45 8.79 -0.73 19.65
C LEU A 45 8.63 -0.75 19.67
N GLY A 46 8.81 -1.84 18.91
N GLY A 46 8.32 0.49 19.28
CA GLY A 46 8.68 -1.82 17.47
CA GLY A 46 8.06 0.81 17.89
C GLY A 46 9.30 -3.10 16.95
C GLY A 46 9.33 0.83 17.08
N ARG A 47 9.24 -3.35 15.64
N ARG A 47 9.83 -0.35 16.75
CA ARG A 47 9.80 -4.59 15.10
CA ARG A 47 11.06 -0.49 15.98
C ARG A 47 10.92 -4.42 14.04
C ARG A 47 10.74 -0.94 14.56
N GLY A 48 11.02 -3.25 13.43
N GLY A 48 11.47 -1.95 14.09
CA GLY A 48 12.06 -3.06 12.45
CA GLY A 48 11.29 -2.47 12.76
C GLY A 48 12.03 -3.91 11.18
C GLY A 48 9.88 -2.96 12.46
N LYS A 49 11.93 -5.25 11.32
N LYS A 49 9.12 -3.26 13.51
CA LYS A 49 11.90 -6.30 10.26
CA LYS A 49 7.79 -3.84 13.39
C LYS A 49 12.81 -7.50 10.58
C LYS A 49 7.84 -5.06 12.47
N TYR A 50 12.31 -8.71 10.31
N TYR A 50 8.74 -5.99 12.81
CA TYR A 50 13.01 -9.97 10.59
CA TYR A 50 9.09 -7.10 11.95
C TYR A 50 13.17 -10.19 12.10
C TYR A 50 9.72 -8.15 12.85
N SER A 51 12.74 -9.21 12.88
N SER A 51 11.05 -8.24 12.81
CA SER A 51 12.86 -9.22 14.33
CA SER A 51 11.78 -8.98 13.83
C SER A 51 11.78 -8.32 14.96
C SER A 51 11.67 -8.13 15.08
N GLU A 52 11.46 -8.56 16.23
N GLU A 52 10.69 -8.45 15.91
CA GLU A 52 10.43 -7.80 16.96
CA GLU A 52 10.22 -7.51 16.92
C GLU A 52 10.98 -7.36 18.34
C GLU A 52 11.09 -7.32 18.17
N VAL A 53 11.17 -6.06 18.57
CA VAL A 53 11.90 -5.57 19.74
C VAL A 53 11.06 -5.05 20.92
N PHE A 54 11.45 -5.45 22.13
CA PHE A 54 10.72 -5.16 23.37
C PHE A 54 11.61 -4.52 24.44
N GLU A 55 11.02 -3.63 25.24
CA GLU A 55 11.64 -3.23 26.50
C GLU A 55 11.39 -4.38 27.47
N ALA A 56 12.40 -4.72 28.24
CA ALA A 56 12.31 -5.88 29.12
C ALA A 56 13.05 -5.64 30.43
N ILE A 57 12.88 -6.57 31.36
CA ILE A 57 13.56 -6.47 32.64
C ILE A 57 14.31 -7.76 32.96
N ASN A 58 15.55 -7.62 33.41
CA ASN A 58 16.28 -8.75 33.96
C ASN A 58 15.83 -8.92 35.41
N ILE A 59 14.96 -9.90 35.66
CA ILE A 59 14.38 -10.08 36.98
C ILE A 59 15.35 -10.61 38.04
N THR A 60 16.55 -11.00 37.61
CA THR A 60 17.55 -11.49 38.56
C THR A 60 18.29 -10.34 39.26
N ASN A 61 18.23 -9.15 38.67
CA ASN A 61 18.90 -7.98 39.23
C ASN A 61 18.12 -6.69 39.02
N ASN A 62 16.91 -6.83 38.48
CA ASN A 62 16.03 -5.70 38.19
C ASN A 62 16.64 -4.60 37.32
N GLU A 63 17.51 -5.00 36.39
CA GLU A 63 18.07 -4.06 35.45
C GLU A 63 17.20 -4.05 34.20
N LYS A 64 16.97 -2.88 33.63
CA LYS A 64 16.23 -2.76 32.38
C LYS A 64 17.10 -3.21 31.20
N VAL A 65 16.51 -4.01 30.31
CA VAL A 65 17.21 -4.43 29.11
C VAL A 65 16.29 -4.30 27.90
N VAL A 66 16.87 -4.46 26.71
CA VAL A 66 16.10 -4.50 25.48
C VAL A 66 16.22 -5.89 24.85
N VAL A 67 15.09 -6.49 24.49
CA VAL A 67 15.09 -7.81 23.88
C VAL A 67 14.66 -7.78 22.42
N LYS A 68 15.49 -8.34 21.54
CA LYS A 68 15.13 -8.43 20.13
C LYS A 68 14.95 -9.89 19.73
N ILE A 69 13.70 -10.29 19.54
CA ILE A 69 13.32 -11.63 19.10
C ILE A 69 13.58 -11.76 17.62
N LEU A 70 14.35 -12.74 17.19
CA LEU A 70 14.62 -12.80 15.76
C LEU A 70 13.74 -13.82 15.04
N LYS A 71 12.56 -13.37 14.64
CA LYS A 71 11.60 -14.15 13.83
C LYS A 71 11.40 -13.46 12.45
N PRO A 72 11.61 -14.17 11.34
CA PRO A 72 11.82 -15.61 11.16
C PRO A 72 13.22 -16.03 11.57
N VAL A 73 13.78 -17.08 10.99
CA VAL A 73 15.12 -17.43 11.43
C VAL A 73 16.03 -17.94 10.33
N LYS A 74 16.70 -17.01 9.64
CA LYS A 74 17.77 -17.44 8.77
C LYS A 74 18.92 -17.56 9.77
N LYS A 75 19.57 -18.71 9.85
CA LYS A 75 20.62 -18.87 10.85
C LYS A 75 21.90 -18.11 10.52
N LYS A 76 22.21 -18.00 9.23
CA LYS A 76 23.43 -17.32 8.81
C LYS A 76 23.40 -15.82 9.13
N LYS A 77 22.26 -15.18 8.92
CA LYS A 77 22.15 -13.74 9.18
C LYS A 77 22.23 -13.45 10.68
N ILE A 78 21.70 -14.37 11.47
CA ILE A 78 21.73 -14.29 12.92
C ILE A 78 23.15 -14.35 13.48
N LYS A 79 23.93 -15.32 13.00
CA LYS A 79 25.30 -15.47 13.46
C LYS A 79 26.15 -14.26 13.07
N ARG A 80 25.85 -13.69 11.91
CA ARG A 80 26.55 -12.50 11.45
C ARG A 80 26.36 -11.33 12.40
N GLU A 81 25.09 -11.06 12.74
CA GLU A 81 24.77 -9.97 13.65
C GLU A 81 25.40 -10.22 15.02
N ILE A 82 25.29 -11.46 15.48
CA ILE A 82 25.84 -11.82 16.77
C ILE A 82 27.35 -11.60 16.80
N LYS A 83 28.05 -12.13 15.80
CA LYS A 83 29.49 -12.02 15.73
C LYS A 83 29.95 -10.56 15.66
N ILE A 84 29.25 -9.76 14.88
CA ILE A 84 29.56 -8.35 14.75
C ILE A 84 29.34 -7.60 16.07
N LEU A 85 28.22 -7.89 16.73
CA LEU A 85 27.91 -7.29 18.03
C LEU A 85 28.96 -7.64 19.08
N GLU A 86 29.44 -8.88 19.05
CA GLU A 86 30.43 -9.34 20.01
C GLU A 86 31.81 -8.75 19.71
N ASN A 87 32.13 -8.64 18.42
CA ASN A 87 33.38 -8.01 17.99
C ASN A 87 33.46 -6.55 18.42
N LEU A 88 32.34 -5.84 18.33
CA LEU A 88 32.32 -4.39 18.57
C LEU A 88 31.99 -4.02 20.00
N ARG A 89 31.64 -5.01 20.82
CA ARG A 89 31.20 -4.76 22.19
C ARG A 89 32.24 -4.00 23.00
N GLY A 90 31.82 -2.92 23.63
CA GLY A 90 32.70 -2.07 24.42
C GLY A 90 33.27 -0.91 23.64
N GLY A 91 32.99 -0.89 22.34
CA GLY A 91 33.46 0.19 21.48
C GLY A 91 32.67 1.47 21.67
N PRO A 92 33.24 2.61 21.25
CA PRO A 92 32.61 3.91 21.46
C PRO A 92 31.26 4.04 20.74
N ASN A 93 30.22 4.33 21.51
CA ASN A 93 28.87 4.57 21.00
C ASN A 93 28.22 3.38 20.28
N ILE A 94 28.73 2.18 20.55
CA ILE A 94 28.13 0.96 20.01
C ILE A 94 27.20 0.33 21.04
N ILE A 95 26.00 -0.06 20.60
CA ILE A 95 25.05 -0.74 21.48
C ILE A 95 25.70 -2.01 22.06
N THR A 96 25.43 -2.30 23.33
CA THR A 96 26.06 -3.44 24.01
C THR A 96 25.16 -4.67 24.06
N LEU A 97 25.61 -5.76 23.43
CA LEU A 97 24.90 -7.04 23.51
C LEU A 97 25.18 -7.69 24.86
N ALA A 98 24.12 -7.87 25.66
CA ALA A 98 24.28 -8.41 27.01
C ALA A 98 24.17 -9.92 27.12
N ASP A 99 23.33 -10.53 26.28
CA ASP A 99 23.02 -11.95 26.39
C ASP A 99 22.37 -12.49 25.13
N ILE A 100 22.41 -13.81 24.96
CA ILE A 100 21.72 -14.46 23.85
C ILE A 100 20.93 -15.67 24.37
N VAL A 101 19.62 -15.65 24.13
CA VAL A 101 18.75 -16.71 24.62
C VAL A 101 17.86 -17.25 23.49
N LYS A 102 17.17 -18.36 23.78
CA LYS A 102 16.28 -18.98 22.80
C LYS A 102 15.12 -19.69 23.49
N ASP A 103 13.97 -19.67 22.85
CA ASP A 103 12.79 -20.38 23.31
C ASP A 103 13.04 -21.88 23.18
N PRO A 104 13.00 -22.60 24.31
CA PRO A 104 13.25 -24.05 24.31
C PRO A 104 12.29 -24.80 23.39
N VAL A 105 11.06 -24.30 23.26
CA VAL A 105 10.07 -24.97 22.42
C VAL A 105 10.23 -24.63 20.94
N SER A 106 10.03 -23.35 20.59
CA SER A 106 10.05 -22.93 19.20
C SER A 106 11.45 -22.79 18.62
N ARG A 107 12.45 -22.77 19.51
CA ARG A 107 13.87 -22.60 19.14
C ARG A 107 14.16 -21.20 18.58
N THR A 108 13.19 -20.30 18.73
CA THR A 108 13.34 -18.92 18.28
C THR A 108 14.33 -18.19 19.17
N PRO A 109 15.43 -17.69 18.59
CA PRO A 109 16.50 -16.98 19.30
C PRO A 109 16.19 -15.51 19.51
N ALA A 110 16.81 -14.93 20.54
CA ALA A 110 16.62 -13.54 20.86
C ALA A 110 17.92 -12.92 21.38
N LEU A 111 18.14 -11.66 21.04
CA LEU A 111 19.28 -10.92 21.56
C LEU A 111 18.84 -10.04 22.70
N VAL A 112 19.68 -9.91 23.72
CA VAL A 112 19.40 -9.07 24.86
C VAL A 112 20.43 -7.94 24.95
N PHE A 113 19.96 -6.71 24.90
CA PHE A 113 20.88 -5.57 24.90
C PHE A 113 20.78 -4.85 26.24
N GLU A 114 21.87 -4.21 26.62
CA GLU A 114 21.93 -3.31 27.76
C GLU A 114 20.92 -2.20 27.48
N HIS A 115 20.30 -1.66 28.52
CA HIS A 115 19.25 -0.66 28.30
C HIS A 115 19.84 0.63 27.78
N VAL A 116 19.06 1.15 26.85
CA VAL A 116 19.23 2.39 26.13
C VAL A 116 17.94 3.18 26.07
N ASN A 117 18.09 4.47 26.31
CA ASN A 117 17.01 5.45 26.27
C ASN A 117 16.53 5.37 24.85
N ASN A 118 15.23 5.11 24.75
CA ASN A 118 14.55 4.90 23.51
C ASN A 118 14.00 6.14 22.82
N THR A 119 14.83 7.17 22.80
CA THR A 119 14.55 8.24 21.87
C THR A 119 15.64 8.20 20.77
N ASP A 120 15.15 8.22 19.53
CA ASP A 120 15.94 8.10 18.30
C ASP A 120 16.23 9.50 17.74
N PHE A 121 17.25 9.62 16.91
CA PHE A 121 17.75 10.91 16.45
C PHE A 121 16.63 11.66 15.67
N LYS A 122 15.74 10.88 15.05
CA LYS A 122 14.58 11.40 14.31
C LYS A 122 13.57 12.15 15.21
N GLN A 123 13.42 11.70 16.44
CA GLN A 123 12.48 12.34 17.38
C GLN A 123 13.16 13.58 17.97
N LEU A 124 14.45 13.48 18.19
CA LEU A 124 15.26 14.50 18.87
C LEU A 124 15.61 15.74 18.01
N TYR A 125 15.95 15.53 16.74
CA TYR A 125 16.56 16.56 15.90
C TYR A 125 15.82 17.90 15.71
N GLN A 126 14.48 17.91 15.65
CA GLN A 126 13.80 19.18 15.41
C GLN A 126 13.93 20.16 16.56
N THR A 127 14.38 19.69 17.73
CA THR A 127 14.47 20.57 18.89
C THR A 127 15.92 20.98 19.20
N LEU A 128 16.86 20.39 18.45
CA LEU A 128 18.28 20.63 18.65
C LEU A 128 18.78 21.94 18.04
N THR A 129 19.70 22.59 18.73
CA THR A 129 20.36 23.78 18.21
C THR A 129 21.40 23.35 17.18
N ASP A 130 22.01 24.33 16.51
CA ASP A 130 23.08 24.07 15.55
C ASP A 130 24.23 23.28 16.18
N TYR A 131 24.65 23.68 17.38
CA TYR A 131 25.76 23.00 18.04
C TYR A 131 25.46 21.53 18.37
N ASP A 132 24.26 21.25 18.87
CA ASP A 132 23.87 19.89 19.25
C ASP A 132 23.89 18.93 18.08
N ILE A 133 23.46 19.39 16.91
CA ILE A 133 23.50 18.57 15.70
C ILE A 133 24.95 18.21 15.39
N ARG A 134 25.85 19.18 15.48
CA ARG A 134 27.27 18.95 15.23
C ARG A 134 27.83 17.98 16.27
N PHE A 135 27.40 18.16 17.51
CA PHE A 135 27.86 17.31 18.61
C PHE A 135 27.48 15.85 18.36
N TYR A 136 26.20 15.62 18.06
CA TYR A 136 25.72 14.26 17.86
C TYR A 136 26.20 13.64 16.55
N MET A 137 26.38 14.47 15.53
CA MET A 137 26.95 14.00 14.26
C MET A 137 28.39 13.52 14.50
N TYR A 138 29.10 14.25 15.35
CA TYR A 138 30.46 13.88 15.72
C TYR A 138 30.48 12.55 16.48
N GLU A 139 29.50 12.37 17.35
CA GLU A 139 29.37 11.15 18.14
C GLU A 139 29.10 9.95 17.23
N ILE A 140 28.27 10.16 16.21
CA ILE A 140 27.99 9.10 15.23
C ILE A 140 29.27 8.73 14.49
N LEU A 141 30.08 9.73 14.14
CA LEU A 141 31.35 9.49 13.46
C LEU A 141 32.29 8.66 14.33
N LYS A 142 32.22 8.87 15.65
CA LYS A 142 33.01 8.06 16.57
C LYS A 142 32.67 6.59 16.43
N ALA A 143 31.37 6.29 16.34
CA ALA A 143 30.90 4.92 16.19
C ALA A 143 31.26 4.33 14.84
N LEU A 144 31.15 5.14 13.78
CA LEU A 144 31.43 4.66 12.43
C LEU A 144 32.91 4.42 12.20
N ASP A 145 33.74 5.35 12.66
CA ASP A 145 35.17 5.20 12.53
C ASP A 145 35.63 3.96 13.28
N TYR A 146 35.02 3.71 14.43
CA TYR A 146 35.36 2.52 15.19
C TYR A 146 34.98 1.23 14.45
N CYS A 147 33.72 1.13 14.02
CA CYS A 147 33.26 -0.10 13.38
C CYS A 147 33.96 -0.33 12.04
N HIS A 148 34.23 0.75 11.31
CA HIS A 148 35.01 0.67 10.08
C HIS A 148 36.43 0.18 10.38
N SER A 149 37.02 0.68 11.46
CA SER A 149 38.37 0.28 11.84
C SER A 149 38.38 -1.18 12.28
N MET A 150 37.20 -1.66 12.69
CA MET A 150 37.05 -3.05 13.08
C MET A 150 36.60 -3.91 11.89
N GLY A 151 36.72 -3.38 10.68
CA GLY A 151 36.44 -4.14 9.47
C GLY A 151 34.97 -4.40 9.20
N ILE A 152 34.11 -3.51 9.69
CA ILE A 152 32.67 -3.71 9.59
C ILE A 152 31.96 -2.50 9.00
N MET A 153 31.10 -2.73 8.01
CA MET A 153 30.24 -1.66 7.52
C MET A 153 28.85 -1.86 8.09
N HIS A 154 28.23 -0.78 8.55
CA HIS A 154 26.91 -0.87 9.20
C HIS A 154 25.81 -1.16 8.17
N ARG A 155 25.82 -0.41 7.07
CA ARG A 155 24.89 -0.62 5.96
C ARG A 155 23.41 -0.34 6.27
N ASP A 156 23.13 0.36 7.37
CA ASP A 156 21.75 0.73 7.66
C ASP A 156 21.69 1.98 8.52
N VAL A 157 22.56 2.94 8.20
CA VAL A 157 22.63 4.21 8.91
C VAL A 157 21.43 5.07 8.56
N LYS A 158 20.68 5.47 9.59
CA LYS A 158 19.50 6.31 9.45
C LYS A 158 19.12 6.81 10.85
N PRO A 159 18.31 7.88 10.94
CA PRO A 159 17.95 8.45 12.24
C PRO A 159 17.34 7.45 13.23
N HIS A 160 16.56 6.49 12.72
CA HIS A 160 15.92 5.48 13.56
C HIS A 160 16.93 4.58 14.27
N ASN A 161 18.12 4.46 13.70
CA ASN A 161 19.14 3.58 14.25
C ASN A 161 20.19 4.32 15.08
N VAL A 162 19.87 5.55 15.45
CA VAL A 162 20.74 6.32 16.33
C VAL A 162 19.96 6.68 17.58
N MET A 163 20.24 5.97 18.66
CA MET A 163 19.58 6.21 19.94
C MET A 163 20.31 7.27 20.73
N ILE A 164 19.58 8.28 21.20
CA ILE A 164 20.18 9.38 21.95
C ILE A 164 19.50 9.66 23.28
N ASP A 165 20.26 9.54 24.37
CA ASP A 165 19.80 10.01 25.67
C ASP A 165 20.30 11.45 25.83
N HIS A 166 19.44 12.41 25.47
CA HIS A 166 19.83 13.81 25.40
C HIS A 166 20.14 14.39 26.78
N GLU A 167 19.51 13.84 27.80
CA GLU A 167 19.74 14.24 29.17
C GLU A 167 21.18 14.01 29.59
N HIS A 168 21.71 12.84 29.25
CA HIS A 168 23.08 12.47 29.58
C HIS A 168 24.01 12.64 28.38
N ARG A 169 23.46 13.19 27.29
CA ARG A 169 24.22 13.45 26.08
C ARG A 169 24.97 12.21 25.59
N LYS A 170 24.30 11.06 25.69
CA LYS A 170 24.90 9.81 25.25
C LYS A 170 24.22 9.27 23.99
N LEU A 171 24.99 8.63 23.13
CA LEU A 171 24.49 8.19 21.84
C LEU A 171 24.91 6.75 21.57
N ARG A 172 24.01 5.97 20.98
CA ARG A 172 24.32 4.59 20.61
C ARG A 172 23.83 4.30 19.19
N LEU A 173 24.72 3.69 18.40
CA LEU A 173 24.38 3.21 17.07
C LEU A 173 23.85 1.78 17.20
N ILE A 174 22.63 1.54 16.74
CA ILE A 174 21.96 0.27 16.96
C ILE A 174 21.60 -0.45 15.66
N ASP A 175 20.97 -1.61 15.81
CA ASP A 175 20.53 -2.45 14.69
C ASP A 175 21.63 -2.79 13.69
N TRP A 176 22.43 -3.79 14.05
CA TRP A 176 23.54 -4.23 13.23
C TRP A 176 23.15 -5.45 12.41
N GLY A 177 21.85 -5.62 12.19
CA GLY A 177 21.32 -6.77 11.47
C GLY A 177 21.64 -6.79 9.99
N LEU A 178 22.07 -5.65 9.43
CA LEU A 178 22.45 -5.60 8.02
C LEU A 178 23.96 -5.42 7.87
N ALA A 179 24.64 -5.27 9.01
CA ALA A 179 26.07 -5.03 9.00
C ALA A 179 26.86 -6.22 8.42
N GLU A 180 28.04 -5.94 7.88
CA GLU A 180 28.82 -6.94 7.17
C GLU A 180 30.31 -6.65 7.31
N PHE A 181 31.13 -7.69 7.25
CA PHE A 181 32.57 -7.52 7.27
C PHE A 181 33.08 -7.10 5.91
N TYR A 182 33.97 -6.10 5.89
CA TYR A 182 34.57 -5.66 4.65
C TYR A 182 35.81 -6.47 4.32
N HIS A 183 35.81 -7.08 3.13
CA HIS A 183 36.99 -7.75 2.61
C HIS A 183 37.32 -7.16 1.25
N PRO A 184 38.54 -6.64 1.09
CA PRO A 184 38.91 -5.95 -0.15
C PRO A 184 38.72 -6.84 -1.37
N GLY A 185 37.91 -6.40 -2.32
CA GLY A 185 37.67 -7.14 -3.55
C GLY A 185 36.41 -7.97 -3.55
N GLN A 186 35.74 -8.04 -2.39
N GLN A 186 35.74 -8.06 -2.39
CA GLN A 186 34.52 -8.84 -2.25
CA GLN A 186 34.52 -8.84 -2.27
C GLN A 186 33.32 -8.10 -2.82
C GLN A 186 33.33 -8.10 -2.86
N GLU A 187 32.45 -8.83 -3.53
CA GLU A 187 31.22 -8.25 -4.06
C GLU A 187 30.05 -8.51 -3.11
N TYR A 188 29.34 -7.46 -2.74
CA TYR A 188 28.28 -7.58 -1.76
C TYR A 188 26.89 -7.40 -2.36
N ASN A 189 25.88 -7.89 -1.65
CA ASN A 189 24.49 -7.69 -2.01
C ASN A 189 24.15 -6.20 -1.90
N VAL A 190 23.52 -5.63 -2.92
CA VAL A 190 23.18 -4.21 -2.88
C VAL A 190 21.81 -3.93 -2.24
N ARG A 191 21.08 -5.00 -1.93
CA ARG A 191 19.79 -4.85 -1.27
C ARG A 191 19.95 -4.67 0.23
N VAL A 192 20.56 -3.55 0.62
CA VAL A 192 20.77 -3.19 2.01
C VAL A 192 20.35 -1.73 2.23
N ALA A 193 20.39 -1.29 3.49
CA ALA A 193 19.97 0.06 3.88
C ALA A 193 18.50 0.36 3.60
N SER A 194 18.02 1.48 4.14
CA SER A 194 16.68 1.95 3.86
C SER A 194 16.72 2.77 2.58
N ARG A 195 15.63 2.73 1.82
CA ARG A 195 15.57 3.33 0.49
C ARG A 195 16.12 4.74 0.45
N TYR A 196 15.71 5.55 1.41
CA TYR A 196 16.07 6.97 1.44
C TYR A 196 17.55 7.19 1.73
N PHE A 197 18.21 6.15 2.21
CA PHE A 197 19.62 6.27 2.61
C PHE A 197 20.55 5.39 1.80
N LYS A 198 20.01 4.78 0.74
CA LYS A 198 20.80 3.95 -0.15
C LYS A 198 21.76 4.82 -0.96
N GLY A 199 23.02 4.42 -1.00
CA GLY A 199 24.01 5.11 -1.81
C GLY A 199 23.78 4.80 -3.28
N PRO A 200 24.26 5.70 -4.17
CA PRO A 200 24.15 5.49 -5.61
C PRO A 200 24.72 4.13 -6.04
N GLU A 201 25.76 3.66 -5.36
CA GLU A 201 26.36 2.37 -5.68
C GLU A 201 25.35 1.23 -5.54
N LEU A 202 24.46 1.34 -4.56
CA LEU A 202 23.42 0.35 -4.36
C LEU A 202 22.36 0.46 -5.45
N LEU A 203 22.03 1.70 -5.81
CA LEU A 203 20.96 1.97 -6.76
C LEU A 203 21.31 1.62 -8.20
N VAL A 204 22.60 1.74 -8.54
CA VAL A 204 23.06 1.36 -9.88
C VAL A 204 23.63 -0.05 -9.90
N ASP A 205 23.52 -0.75 -8.78
CA ASP A 205 23.96 -2.14 -8.66
C ASP A 205 25.46 -2.34 -8.83
N TYR A 206 26.25 -1.55 -8.10
CA TYR A 206 27.69 -1.75 -8.04
C TYR A 206 28.06 -2.47 -6.75
N GLN A 207 28.51 -3.72 -6.87
CA GLN A 207 28.62 -4.61 -5.71
C GLN A 207 29.90 -4.48 -4.89
N MET A 208 30.96 -3.95 -5.49
CA MET A 208 32.25 -3.89 -4.78
C MET A 208 32.36 -2.62 -3.95
N TYR A 209 31.37 -2.39 -3.10
CA TYR A 209 31.35 -1.18 -2.27
C TYR A 209 32.02 -1.42 -0.92
N ASP A 210 32.09 -0.39 -0.09
CA ASP A 210 32.82 -0.46 1.17
C ASP A 210 32.23 0.43 2.26
N TYR A 211 33.06 0.79 3.23
CA TYR A 211 32.62 1.60 4.37
C TYR A 211 31.99 2.92 3.92
N SER A 212 32.41 3.41 2.75
CA SER A 212 31.95 4.70 2.25
C SER A 212 30.44 4.74 2.02
N LEU A 213 29.82 3.57 1.98
CA LEU A 213 28.36 3.48 1.91
C LEU A 213 27.72 4.16 3.11
N ASP A 214 28.29 3.93 4.29
CA ASP A 214 27.77 4.51 5.52
C ASP A 214 27.90 6.04 5.50
N MET A 215 28.93 6.53 4.80
CA MET A 215 29.16 7.96 4.76
C MET A 215 28.15 8.69 3.89
N TRP A 216 27.66 8.02 2.84
CA TRP A 216 26.56 8.56 2.05
C TRP A 216 25.31 8.67 2.91
N SER A 217 25.01 7.59 3.63
CA SER A 217 23.83 7.53 4.48
C SER A 217 23.88 8.62 5.53
N LEU A 218 25.07 8.85 6.09
CA LEU A 218 25.26 9.91 7.07
C LEU A 218 25.00 11.27 6.44
N GLY A 219 25.41 11.42 5.18
CA GLY A 219 25.17 12.65 4.44
C GLY A 219 23.70 12.93 4.24
N CYS A 220 22.93 11.88 3.99
CA CYS A 220 21.47 11.99 3.85
C CYS A 220 20.83 12.46 5.15
N MET A 221 21.32 11.94 6.27
CA MET A 221 20.84 12.33 7.59
C MET A 221 21.11 13.79 7.86
N LEU A 222 22.35 14.21 7.61
CA LEU A 222 22.75 15.59 7.85
C LEU A 222 21.94 16.57 7.01
N ALA A 223 21.77 16.24 5.74
CA ALA A 223 21.00 17.08 4.82
C ALA A 223 19.57 17.28 5.31
N SER A 224 18.94 16.21 5.78
CA SER A 224 17.56 16.27 6.25
C SER A 224 17.43 17.15 7.48
N MET A 225 18.47 17.16 8.30
CA MET A 225 18.44 17.90 9.57
C MET A 225 18.75 19.38 9.42
N ILE A 226 19.76 19.73 8.61
CA ILE A 226 20.12 21.14 8.48
C ILE A 226 19.14 21.86 7.53
N PHE A 227 18.46 21.11 6.68
CA PHE A 227 17.53 21.72 5.74
C PHE A 227 16.08 21.54 6.18
N ARG A 228 15.90 20.73 7.23
CA ARG A 228 14.56 20.40 7.75
C ARG A 228 13.67 19.81 6.65
N LYS A 229 14.21 18.79 5.98
CA LYS A 229 13.45 18.07 4.96
CA LYS A 229 13.49 18.09 4.92
C LYS A 229 13.74 16.59 5.10
N GLU A 230 12.81 15.89 5.74
CA GLU A 230 13.02 14.50 6.10
C GLU A 230 12.02 13.55 5.45
N PRO A 231 12.54 12.58 4.68
CA PRO A 231 13.95 12.41 4.33
C PRO A 231 14.34 13.37 3.19
N PHE A 232 15.63 13.60 3.00
CA PHE A 232 16.08 14.58 2.01
C PHE A 232 15.84 14.07 0.57
N PHE A 233 16.28 12.86 0.29
CA PHE A 233 15.99 12.25 -1.00
C PHE A 233 14.83 11.28 -0.79
N HIS A 234 13.66 11.68 -1.31
CA HIS A 234 12.40 11.02 -0.98
C HIS A 234 11.81 10.27 -2.18
N GLY A 235 12.42 9.15 -2.55
CA GLY A 235 11.94 8.37 -3.68
C GLY A 235 10.81 7.44 -3.30
N HIS A 236 9.96 7.13 -4.27
CA HIS A 236 8.84 6.22 -4.03
C HIS A 236 9.23 4.75 -4.25
N ASP A 237 10.30 4.54 -5.01
CA ASP A 237 10.93 3.22 -5.12
C ASP A 237 12.42 3.36 -5.41
N ASN A 238 13.11 2.22 -5.53
CA ASN A 238 14.56 2.24 -5.75
C ASN A 238 14.96 2.99 -7.03
N TYR A 239 14.15 2.86 -8.08
CA TYR A 239 14.42 3.58 -9.32
C TYR A 239 14.25 5.08 -9.17
N ASP A 240 13.12 5.47 -8.58
CA ASP A 240 12.81 6.88 -8.36
C ASP A 240 13.79 7.51 -7.39
N GLN A 241 14.33 6.69 -6.49
CA GLN A 241 15.29 7.16 -5.51
C GLN A 241 16.53 7.75 -6.19
N LEU A 242 17.00 7.09 -7.23
CA LEU A 242 18.15 7.58 -7.99
C LEU A 242 17.77 8.85 -8.75
N VAL A 243 16.54 8.90 -9.23
CA VAL A 243 16.02 10.10 -9.89
C VAL A 243 16.04 11.31 -8.94
N ARG A 244 15.63 11.08 -7.69
CA ARG A 244 15.60 12.15 -6.69
C ARG A 244 17.00 12.68 -6.44
N ILE A 245 17.97 11.77 -6.40
CA ILE A 245 19.36 12.15 -6.23
C ILE A 245 19.87 12.92 -7.44
N ALA A 246 19.56 12.41 -8.63
CA ALA A 246 20.03 13.02 -9.87
C ALA A 246 19.48 14.44 -10.07
N LYS A 247 18.32 14.72 -9.51
CA LYS A 247 17.73 16.06 -9.60
C LYS A 247 18.49 17.07 -8.74
N VAL A 248 19.31 16.56 -7.83
CA VAL A 248 20.13 17.42 -6.98
C VAL A 248 21.60 17.44 -7.41
N LEU A 249 22.20 16.26 -7.53
CA LEU A 249 23.62 16.14 -7.87
C LEU A 249 23.89 16.30 -9.37
N GLY A 250 22.85 16.20 -10.18
CA GLY A 250 22.98 16.33 -11.61
C GLY A 250 23.26 15.00 -12.29
N THR A 251 22.89 14.89 -13.57
CA THR A 251 23.07 13.64 -14.30
C THR A 251 24.45 13.50 -14.94
N GLU A 252 25.14 14.61 -15.14
CA GLU A 252 26.48 14.57 -15.73
C GLU A 252 27.47 13.80 -14.86
N ASP A 253 27.51 14.12 -13.58
CA ASP A 253 28.40 13.43 -12.65
C ASP A 253 27.97 11.99 -12.41
N LEU A 254 26.67 11.73 -12.58
CA LEU A 254 26.15 10.38 -12.46
C LEU A 254 26.72 9.50 -13.56
N TYR A 255 26.65 9.99 -14.79
CA TYR A 255 27.15 9.24 -15.93
C TYR A 255 28.68 9.16 -15.97
N ASP A 256 29.34 10.16 -15.38
CA ASP A 256 30.78 10.12 -15.17
C ASP A 256 31.13 8.96 -14.25
N TYR A 257 30.32 8.82 -13.19
CA TYR A 257 30.48 7.78 -12.19
C TYR A 257 30.29 6.40 -12.81
N ILE A 258 29.21 6.24 -13.56
CA ILE A 258 28.91 4.99 -14.25
C ILE A 258 30.03 4.61 -15.22
N ASP A 259 30.53 5.61 -15.96
CA ASP A 259 31.64 5.39 -16.90
C ASP A 259 32.93 4.99 -16.16
N LYS A 260 33.24 5.70 -15.08
CA LYS A 260 34.47 5.47 -14.34
C LYS A 260 34.60 4.02 -13.85
N TYR A 261 33.50 3.45 -13.39
CA TYR A 261 33.55 2.08 -12.87
C TYR A 261 33.00 1.07 -13.87
N ASN A 262 32.75 1.51 -15.10
CA ASN A 262 32.19 0.66 -16.14
C ASN A 262 30.95 -0.09 -15.67
N ILE A 263 30.03 0.65 -15.06
CA ILE A 263 28.79 0.07 -14.54
C ILE A 263 27.74 -0.10 -15.62
N GLU A 264 27.08 -1.26 -15.66
CA GLU A 264 25.97 -1.44 -16.59
C GLU A 264 24.66 -1.07 -15.90
N LEU A 265 24.13 0.09 -16.29
CA LEU A 265 22.90 0.64 -15.73
C LEU A 265 21.66 -0.11 -16.21
N ASP A 266 20.77 -0.44 -15.29
CA ASP A 266 19.48 -1.05 -15.65
C ASP A 266 18.84 -0.17 -16.72
N PRO A 267 18.50 -0.78 -17.87
CA PRO A 267 17.91 -0.01 -18.97
C PRO A 267 16.60 0.71 -18.62
N ARG A 268 15.95 0.31 -17.53
CA ARG A 268 14.74 1.03 -17.10
C ARG A 268 15.04 2.44 -16.62
N PHE A 269 16.30 2.76 -16.37
CA PHE A 269 16.64 4.10 -15.95
C PHE A 269 16.65 5.08 -17.12
N ASN A 270 16.76 4.55 -18.33
CA ASN A 270 16.86 5.35 -19.54
C ASN A 270 15.72 6.35 -19.71
N ASP A 271 14.49 5.91 -19.44
CA ASP A 271 13.33 6.77 -19.66
C ASP A 271 12.86 7.56 -18.45
N ILE A 272 13.59 7.47 -17.34
CA ILE A 272 13.15 8.14 -16.11
C ILE A 272 14.21 9.13 -15.63
N LEU A 273 15.48 8.85 -15.92
CA LEU A 273 16.56 9.67 -15.39
C LEU A 273 16.57 11.06 -16.01
N GLY A 274 16.34 11.18 -17.31
CA GLY A 274 16.35 12.50 -17.91
C GLY A 274 17.70 13.18 -17.86
N ARG A 275 17.66 14.51 -17.94
CA ARG A 275 18.86 15.32 -17.84
C ARG A 275 18.62 16.43 -16.84
N HIS A 276 19.52 16.52 -15.86
CA HIS A 276 19.36 17.47 -14.77
C HIS A 276 20.69 18.12 -14.43
N SER A 277 20.66 19.45 -14.26
CA SER A 277 21.84 20.18 -13.82
C SER A 277 22.11 19.96 -12.33
N ARG A 278 23.36 20.13 -11.93
CA ARG A 278 23.69 20.04 -10.51
C ARG A 278 23.14 21.28 -9.80
N LYS A 279 22.41 21.04 -8.72
CA LYS A 279 21.85 22.14 -7.94
C LYS A 279 22.79 22.59 -6.83
N ARG A 280 22.97 23.89 -6.69
CA ARG A 280 23.78 24.45 -5.62
C ARG A 280 23.06 24.17 -4.31
N TRP A 281 23.83 23.87 -3.26
CA TRP A 281 23.25 23.53 -1.96
C TRP A 281 22.47 24.67 -1.34
N GLU A 282 22.81 25.91 -1.73
CA GLU A 282 22.14 27.09 -1.22
C GLU A 282 20.65 27.13 -1.59
N ARG A 283 20.28 26.40 -2.65
CA ARG A 283 18.88 26.38 -3.10
C ARG A 283 17.92 25.81 -2.07
N PHE A 284 18.44 24.97 -1.17
CA PHE A 284 17.61 24.30 -0.17
C PHE A 284 17.54 25.07 1.15
N VAL A 285 18.20 26.22 1.19
CA VAL A 285 18.21 27.07 2.37
C VAL A 285 17.02 28.01 2.41
N HIS A 286 16.34 28.08 3.56
CA HIS A 286 15.25 29.04 3.73
C HIS A 286 15.16 29.56 5.16
N SER A 287 14.13 30.37 5.41
CA SER A 287 13.99 31.07 6.68
C SER A 287 13.86 30.13 7.89
N GLU A 288 13.25 28.97 7.65
CA GLU A 288 13.00 28.01 8.73
C GLU A 288 14.22 27.17 9.09
N ASN A 289 15.19 27.08 8.18
CA ASN A 289 16.34 26.22 8.41
C ASN A 289 17.67 26.96 8.46
N GLN A 290 17.64 28.26 8.19
CA GLN A 290 18.86 29.05 8.02
C GLN A 290 19.79 29.08 9.23
N HIS A 291 19.23 28.93 10.42
CA HIS A 291 20.03 28.94 11.65
C HIS A 291 20.85 27.65 11.81
N LEU A 292 20.55 26.65 11.00
CA LEU A 292 21.24 25.37 11.05
C LEU A 292 22.28 25.26 9.94
N VAL A 293 22.28 26.22 9.03
CA VAL A 293 23.16 26.17 7.88
C VAL A 293 24.32 27.16 7.99
N SER A 294 25.50 26.71 7.60
CA SER A 294 26.69 27.54 7.60
C SER A 294 27.53 27.14 6.38
N PRO A 295 28.53 27.97 6.02
CA PRO A 295 29.44 27.58 4.94
C PRO A 295 30.14 26.26 5.23
N GLU A 296 30.46 26.00 6.50
CA GLU A 296 31.12 24.76 6.89
C GLU A 296 30.20 23.56 6.71
N ALA A 297 28.93 23.71 7.07
CA ALA A 297 27.95 22.64 6.95
C ALA A 297 27.74 22.25 5.49
N LEU A 298 27.65 23.25 4.63
CA LEU A 298 27.44 23.02 3.21
C LEU A 298 28.66 22.37 2.55
N ASP A 299 29.85 22.80 2.95
CA ASP A 299 31.09 22.23 2.42
C ASP A 299 31.23 20.79 2.89
N PHE A 300 30.90 20.55 4.16
CA PHE A 300 30.94 19.21 4.74
C PHE A 300 29.96 18.29 4.03
N LEU A 301 28.76 18.79 3.82
CA LEU A 301 27.71 18.03 3.14
C LEU A 301 28.12 17.72 1.71
N ASP A 302 28.74 18.68 1.05
CA ASP A 302 29.18 18.54 -0.34
C ASP A 302 30.20 17.43 -0.51
N LYS A 303 30.99 17.19 0.53
CA LYS A 303 32.06 16.20 0.49
C LYS A 303 31.58 14.82 0.93
N LEU A 304 30.33 14.73 1.35
CA LEU A 304 29.74 13.44 1.71
C LEU A 304 28.84 12.91 0.60
N LEU A 305 27.98 13.78 0.08
CA LEU A 305 27.02 13.38 -0.94
C LEU A 305 27.60 13.45 -2.35
N ARG A 306 28.41 12.45 -2.69
CA ARG A 306 29.01 12.35 -4.01
C ARG A 306 28.73 10.97 -4.60
N TYR A 307 28.45 10.91 -5.90
CA TYR A 307 28.22 9.64 -6.57
C TYR A 307 29.37 8.68 -6.34
N ASP A 308 30.58 9.15 -6.64
CA ASP A 308 31.79 8.34 -6.52
C ASP A 308 32.10 8.08 -5.05
N HIS A 309 31.86 6.84 -4.62
CA HIS A 309 32.07 6.43 -3.23
C HIS A 309 33.51 6.65 -2.75
N GLN A 310 34.47 6.53 -3.65
CA GLN A 310 35.88 6.73 -3.31
C GLN A 310 36.19 8.19 -2.96
N SER A 311 35.43 9.12 -3.51
CA SER A 311 35.72 10.55 -3.31
C SER A 311 35.09 11.11 -2.03
N ARG A 312 34.15 10.36 -1.44
CA ARG A 312 33.51 10.80 -0.20
C ARG A 312 34.52 10.83 0.93
N LEU A 313 34.32 11.73 1.90
CA LEU A 313 35.14 11.73 3.10
C LEU A 313 34.99 10.40 3.84
N THR A 314 36.09 9.91 4.40
CA THR A 314 36.02 8.79 5.32
C THR A 314 35.54 9.33 6.66
N ALA A 315 35.19 8.43 7.58
CA ALA A 315 34.73 8.83 8.90
C ALA A 315 35.80 9.68 9.61
N ARG A 316 37.05 9.27 9.49
CA ARG A 316 38.16 9.96 10.14
C ARG A 316 38.41 11.34 9.52
N GLU A 317 38.37 11.41 8.19
CA GLU A 317 38.50 12.69 7.50
C GLU A 317 37.35 13.62 7.88
N ALA A 318 36.18 13.05 8.07
CA ALA A 318 34.99 13.82 8.44
C ALA A 318 35.15 14.47 9.80
N MET A 319 35.76 13.76 10.74
CA MET A 319 35.96 14.29 12.08
C MET A 319 36.96 15.45 12.12
N GLU A 320 37.74 15.60 11.04
CA GLU A 320 38.73 16.66 10.97
C GLU A 320 38.22 17.87 10.19
N HIS A 321 36.97 17.80 9.74
CA HIS A 321 36.38 18.90 8.98
C HIS A 321 36.09 20.09 9.89
N PRO A 322 36.27 21.32 9.38
CA PRO A 322 36.01 22.56 10.11
C PRO A 322 34.60 22.64 10.73
N TYR A 323 33.66 21.87 10.20
CA TYR A 323 32.30 21.80 10.74
C TYR A 323 32.31 21.40 12.23
N PHE A 324 33.30 20.62 12.62
CA PHE A 324 33.39 20.11 13.99
C PHE A 324 34.44 20.81 14.87
N TYR A 325 35.00 21.92 14.39
CA TYR A 325 36.08 22.60 15.11
C TYR A 325 35.74 22.97 16.57
N THR A 326 34.55 23.54 16.76
CA THR A 326 34.13 23.95 18.10
C THR A 326 33.82 22.75 18.99
N VAL A 327 33.25 21.70 18.40
CA VAL A 327 32.97 20.47 19.15
C VAL A 327 34.25 19.83 19.66
N VAL A 328 35.25 19.70 18.78
CA VAL A 328 36.53 19.12 19.15
C VAL A 328 37.23 19.95 20.22
N LYS A 329 37.20 21.26 20.06
CA LYS A 329 37.82 22.20 20.99
C LYS A 329 37.17 22.14 22.38
N ASP A 330 35.87 21.94 22.42
CA ASP A 330 35.15 21.81 23.68
C ASP A 330 35.39 20.45 24.34
N GLN A 331 35.70 19.45 23.53
CA GLN A 331 35.93 18.10 24.03
C GLN A 331 37.24 18.01 24.81
N ALA A 332 38.19 18.86 24.45
CA ALA A 332 39.48 18.89 25.12
C ALA A 332 39.39 19.63 26.45
N GLY B 3 14.12 28.68 -22.92
CA GLY B 3 12.67 28.85 -22.86
C GLY B 3 11.97 27.64 -22.28
N PRO B 4 10.64 27.70 -22.22
CA PRO B 4 9.82 26.60 -21.69
C PRO B 4 9.79 25.41 -22.64
N VAL B 5 9.67 24.20 -22.10
CA VAL B 5 9.56 23.01 -22.91
C VAL B 5 8.20 22.95 -23.60
N PRO B 6 8.19 22.66 -24.91
CA PRO B 6 6.94 22.56 -25.66
C PRO B 6 6.06 21.41 -25.18
N SER B 7 4.77 21.48 -25.46
CA SER B 7 3.83 20.44 -25.05
C SER B 7 2.75 20.19 -26.10
N ARG B 8 2.22 18.97 -26.11
CA ARG B 8 1.15 18.61 -27.02
C ARG B 8 0.07 17.83 -26.27
N ALA B 9 -1.17 17.95 -26.73
CA ALA B 9 -2.26 17.14 -26.19
C ALA B 9 -2.02 15.67 -26.49
N ARG B 10 -2.32 14.81 -25.53
CA ARG B 10 -2.14 13.37 -25.73
C ARG B 10 -3.23 12.77 -26.63
N VAL B 11 -4.34 13.49 -26.76
CA VAL B 11 -5.46 13.02 -27.56
C VAL B 11 -5.94 14.15 -28.45
N TYR B 12 -6.53 13.80 -29.59
CA TYR B 12 -7.12 14.76 -30.53
C TYR B 12 -6.15 15.87 -30.89
N THR B 13 -4.87 15.53 -30.95
CA THR B 13 -3.82 16.51 -31.14
C THR B 13 -3.93 17.25 -32.48
N ASP B 14 -4.34 16.54 -33.52
CA ASP B 14 -4.30 17.09 -34.86
C ASP B 14 -5.66 17.15 -35.54
N VAL B 15 -6.74 17.20 -34.77
CA VAL B 15 -8.06 17.22 -35.37
C VAL B 15 -8.34 18.47 -36.20
N ASN B 16 -7.86 19.63 -35.76
CA ASN B 16 -8.11 20.86 -36.50
C ASN B 16 -7.17 21.16 -37.67
N THR B 17 -5.93 20.67 -37.57
CA THR B 17 -4.95 20.86 -38.65
C THR B 17 -5.39 20.14 -39.92
N HIS B 18 -6.08 19.01 -39.74
CA HIS B 18 -6.55 18.18 -40.84
C HIS B 18 -7.99 18.50 -41.22
N ARG B 19 -8.49 19.61 -40.67
CA ARG B 19 -9.85 20.07 -40.92
C ARG B 19 -9.77 21.29 -41.83
N PRO B 20 -10.85 21.58 -42.57
CA PRO B 20 -10.78 22.75 -43.44
C PRO B 20 -10.68 24.06 -42.64
N ARG B 21 -10.14 25.08 -43.28
CA ARG B 21 -9.92 26.39 -42.65
C ARG B 21 -11.19 27.04 -42.11
N GLU B 22 -12.29 26.90 -42.84
CA GLU B 22 -13.58 27.49 -42.45
C GLU B 22 -14.04 27.07 -41.06
N TYR B 23 -13.60 25.90 -40.62
CA TYR B 23 -13.98 25.35 -39.33
C TYR B 23 -13.39 26.15 -38.16
N TRP B 24 -12.09 26.44 -38.22
CA TRP B 24 -11.43 27.06 -37.06
C TRP B 24 -11.11 28.54 -37.24
N ASP B 25 -11.13 29.02 -38.48
CA ASP B 25 -10.82 30.42 -38.74
C ASP B 25 -12.08 31.26 -38.47
N TYR B 26 -12.42 31.41 -37.20
CA TYR B 26 -13.68 32.04 -36.80
C TYR B 26 -13.78 33.52 -37.17
N GLU B 27 -12.62 34.17 -37.30
CA GLU B 27 -12.59 35.59 -37.63
C GLU B 27 -13.09 35.87 -39.04
N SER B 28 -13.07 34.84 -39.88
CA SER B 28 -13.52 34.98 -41.27
C SER B 28 -14.97 34.54 -41.42
N HIS B 29 -15.55 34.03 -40.32
CA HIS B 29 -16.92 33.56 -40.34
C HIS B 29 -17.93 34.67 -40.58
N VAL B 30 -18.86 34.42 -41.49
CA VAL B 30 -19.95 35.34 -41.74
C VAL B 30 -21.17 34.88 -40.96
N VAL B 31 -21.64 35.73 -40.04
CA VAL B 31 -22.77 35.42 -39.18
C VAL B 31 -24.08 35.54 -39.93
N GLU B 32 -24.97 34.56 -39.77
CA GLU B 32 -26.30 34.68 -40.36
C GLU B 32 -27.29 35.09 -39.28
N TRP B 33 -27.84 36.29 -39.48
CA TRP B 33 -28.71 36.96 -38.51
C TRP B 33 -30.19 36.64 -38.66
N GLY B 34 -30.87 36.42 -37.53
CA GLY B 34 -32.30 36.22 -37.55
C GLY B 34 -33.05 37.54 -37.39
N ASN B 35 -34.33 37.45 -37.07
CA ASN B 35 -35.18 38.62 -36.92
C ASN B 35 -35.36 38.95 -35.44
N GLN B 36 -34.84 40.09 -35.00
CA GLN B 36 -34.91 40.44 -33.58
C GLN B 36 -36.36 40.62 -33.10
N ASP B 37 -37.25 41.00 -34.01
CA ASP B 37 -38.66 41.20 -33.66
C ASP B 37 -39.36 39.89 -33.28
N ASP B 38 -38.71 38.77 -33.54
CA ASP B 38 -39.24 37.45 -33.15
C ASP B 38 -39.26 37.28 -31.64
N TYR B 39 -38.40 38.00 -30.95
CA TYR B 39 -38.17 37.75 -29.52
C TYR B 39 -38.53 38.95 -28.67
N GLN B 40 -39.12 38.67 -27.51
CA GLN B 40 -39.48 39.72 -26.57
C GLN B 40 -39.07 39.33 -25.16
N LEU B 41 -38.49 40.28 -24.44
CA LEU B 41 -37.95 40.02 -23.10
C LEU B 41 -39.05 39.92 -22.05
N VAL B 42 -38.91 38.95 -21.15
CA VAL B 42 -39.90 38.74 -20.11
C VAL B 42 -39.37 39.14 -18.73
N ARG B 43 -38.20 38.62 -18.38
CA ARG B 43 -37.55 38.96 -17.12
C ARG B 43 -36.06 38.65 -17.19
N LYS B 44 -35.26 39.42 -16.46
CA LYS B 44 -33.81 39.22 -16.43
C LYS B 44 -33.53 38.03 -15.51
N LEU B 45 -32.50 37.26 -15.83
CA LEU B 45 -32.19 36.08 -15.04
C LEU B 45 -30.87 36.15 -14.27
N GLY B 46 -30.90 35.61 -13.06
CA GLY B 46 -29.73 35.62 -12.21
C GLY B 46 -28.68 34.75 -12.86
N ARG B 47 -27.71 35.38 -13.49
CA ARG B 47 -26.64 34.68 -14.18
C ARG B 47 -25.34 35.09 -13.50
N GLY B 48 -25.43 35.07 -12.19
CA GLY B 48 -24.38 35.38 -11.23
C GLY B 48 -23.69 36.71 -11.01
N LYS B 49 -23.75 37.68 -11.94
CA LYS B 49 -23.12 39.03 -11.88
C LYS B 49 -22.41 39.45 -13.17
N TYR B 50 -22.56 40.72 -13.57
CA TYR B 50 -21.94 41.21 -14.79
C TYR B 50 -22.24 40.34 -16.00
N SER B 51 -23.53 40.21 -16.29
CA SER B 51 -24.04 39.37 -17.36
C SER B 51 -25.37 39.98 -17.79
N GLU B 52 -25.81 39.69 -19.00
CA GLU B 52 -27.06 40.27 -19.48
C GLU B 52 -28.02 39.25 -20.09
N VAL B 53 -28.42 38.30 -19.25
CA VAL B 53 -29.18 37.15 -19.70
C VAL B 53 -30.65 37.31 -19.32
N PHE B 54 -31.56 37.06 -20.28
CA PHE B 54 -32.97 37.26 -20.04
C PHE B 54 -33.78 36.03 -20.41
N GLU B 55 -34.86 35.78 -19.68
CA GLU B 55 -35.86 34.85 -20.16
C GLU B 55 -36.70 35.57 -21.19
N ALA B 56 -37.00 34.90 -22.30
CA ALA B 56 -37.71 35.55 -23.38
C ALA B 56 -38.65 34.57 -24.07
N ILE B 57 -39.50 35.08 -24.94
CA ILE B 57 -40.42 34.24 -25.70
C ILE B 57 -40.30 34.56 -27.19
N ASN B 58 -40.25 33.51 -27.99
CA ASN B 58 -40.35 33.59 -29.44
C ASN B 58 -41.82 33.73 -29.81
N ILE B 59 -42.23 34.94 -30.15
CA ILE B 59 -43.64 35.24 -30.40
C ILE B 59 -44.17 34.63 -31.70
N THR B 60 -43.28 34.03 -32.49
CA THR B 60 -43.70 33.37 -33.71
C THR B 60 -44.23 31.97 -33.40
N ASN B 61 -43.88 31.44 -32.23
CA ASN B 61 -44.33 30.11 -31.83
C ASN B 61 -44.59 29.96 -30.32
N ASN B 62 -44.51 31.07 -29.60
CA ASN B 62 -44.72 31.09 -28.14
C ASN B 62 -43.83 30.12 -27.36
N GLU B 63 -42.61 29.92 -27.85
CA GLU B 63 -41.64 29.10 -27.15
C GLU B 63 -40.74 29.96 -26.25
N LYS B 64 -40.43 29.44 -25.06
CA LYS B 64 -39.52 30.13 -24.16
C LYS B 64 -38.09 29.96 -24.66
N VAL B 65 -37.34 31.06 -24.66
CA VAL B 65 -35.93 31.03 -25.04
C VAL B 65 -35.11 31.83 -24.04
N VAL B 66 -33.79 31.71 -24.16
CA VAL B 66 -32.88 32.52 -23.37
C VAL B 66 -32.10 33.47 -24.27
N VAL B 67 -32.09 34.74 -23.92
CA VAL B 67 -31.37 35.75 -24.69
C VAL B 67 -30.16 36.25 -23.92
N LYS B 68 -28.99 36.19 -24.54
CA LYS B 68 -27.78 36.71 -23.93
C LYS B 68 -27.26 37.91 -24.72
N ILE B 69 -27.43 39.09 -24.14
CA ILE B 69 -26.94 40.33 -24.74
C ILE B 69 -25.44 40.45 -24.58
N LEU B 70 -24.74 40.62 -25.70
CA LEU B 70 -23.29 40.71 -25.68
C LEU B 70 -22.92 42.18 -25.78
N LYS B 71 -22.83 42.85 -24.62
CA LYS B 71 -22.41 44.25 -24.56
C LYS B 71 -22.00 44.65 -23.14
N PRO B 72 -20.79 45.20 -22.99
CA PRO B 72 -19.75 45.40 -24.01
C PRO B 72 -19.00 44.12 -24.36
N VAL B 73 -18.88 43.81 -25.65
CA VAL B 73 -18.13 42.63 -26.07
C VAL B 73 -17.35 42.80 -27.38
N LYS B 74 -16.04 42.70 -27.23
CA LYS B 74 -15.07 42.57 -28.33
C LYS B 74 -15.65 41.77 -29.48
N LYS B 75 -15.55 42.32 -30.68
CA LYS B 75 -16.15 41.72 -31.88
C LYS B 75 -15.44 40.43 -32.29
N LYS B 76 -14.14 40.32 -32.03
CA LYS B 76 -13.39 39.14 -32.37
C LYS B 76 -13.91 37.94 -31.57
N LYS B 77 -14.20 38.20 -30.30
CA LYS B 77 -14.68 37.19 -29.36
C LYS B 77 -16.09 36.71 -29.69
N ILE B 78 -16.90 37.61 -30.24
CA ILE B 78 -18.27 37.29 -30.63
C ILE B 78 -18.29 36.21 -31.71
N LYS B 79 -17.47 36.39 -32.74
CA LYS B 79 -17.41 35.42 -33.83
C LYS B 79 -16.88 34.07 -33.33
N ARG B 80 -15.96 34.11 -32.37
CA ARG B 80 -15.39 32.90 -31.79
C ARG B 80 -16.44 32.05 -31.10
N GLU B 81 -17.22 32.67 -30.22
CA GLU B 81 -18.28 31.96 -29.50
C GLU B 81 -19.31 31.40 -30.47
N ILE B 82 -19.70 32.20 -31.45
CA ILE B 82 -20.69 31.78 -32.44
C ILE B 82 -20.23 30.56 -33.25
N LYS B 83 -19.02 30.63 -33.80
CA LYS B 83 -18.48 29.54 -34.60
C LYS B 83 -18.37 28.25 -33.80
N ILE B 84 -17.93 28.37 -32.55
CA ILE B 84 -17.80 27.22 -31.67
C ILE B 84 -19.17 26.62 -31.35
N LEU B 85 -20.14 27.48 -31.07
CA LEU B 85 -21.51 27.04 -30.81
C LEU B 85 -22.09 26.31 -32.01
N GLU B 86 -21.80 26.80 -33.21
CA GLU B 86 -22.31 26.19 -34.43
C GLU B 86 -21.58 24.89 -34.76
N ASN B 87 -20.26 24.87 -34.52
CA ASN B 87 -19.48 23.65 -34.70
C ASN B 87 -19.94 22.52 -33.80
N LEU B 88 -20.29 22.87 -32.56
CA LEU B 88 -20.61 21.88 -31.54
C LEU B 88 -22.11 21.60 -31.46
N ARG B 89 -22.90 22.37 -32.21
CA ARG B 89 -24.35 22.28 -32.16
C ARG B 89 -24.85 20.86 -32.46
N GLY B 90 -25.69 20.34 -31.58
CA GLY B 90 -26.23 19.00 -31.73
C GLY B 90 -25.43 17.94 -30.97
N GLY B 91 -24.32 18.36 -30.38
CA GLY B 91 -23.49 17.45 -29.61
C GLY B 91 -24.11 17.12 -28.27
N PRO B 92 -23.66 16.02 -27.64
CA PRO B 92 -24.24 15.55 -26.38
C PRO B 92 -24.05 16.57 -25.25
N ASN B 93 -25.16 16.99 -24.65
CA ASN B 93 -25.15 17.90 -23.51
C ASN B 93 -24.53 19.27 -23.81
N ILE B 94 -24.50 19.64 -25.09
CA ILE B 94 -24.04 20.97 -25.47
C ILE B 94 -25.26 21.87 -25.64
N ILE B 95 -25.20 23.07 -25.08
CA ILE B 95 -26.28 24.02 -25.23
C ILE B 95 -26.51 24.32 -26.71
N THR B 96 -27.77 24.46 -27.10
CA THR B 96 -28.13 24.67 -28.49
C THR B 96 -28.37 26.14 -28.81
N LEU B 97 -27.56 26.69 -29.71
CA LEU B 97 -27.75 28.05 -30.19
C LEU B 97 -28.92 28.04 -31.18
N ALA B 98 -30.00 28.74 -30.83
CA ALA B 98 -31.20 28.72 -31.65
C ALA B 98 -31.21 29.82 -32.69
N ASP B 99 -30.61 30.96 -32.36
CA ASP B 99 -30.67 32.13 -33.23
C ASP B 99 -29.60 33.14 -32.84
N ILE B 100 -29.30 34.03 -33.77
CA ILE B 100 -28.39 35.15 -33.54
C ILE B 100 -29.06 36.39 -34.09
N VAL B 101 -29.25 37.39 -33.25
CA VAL B 101 -29.94 38.61 -33.68
C VAL B 101 -29.15 39.85 -33.31
N LYS B 102 -29.59 40.99 -33.83
CA LYS B 102 -28.94 42.27 -33.58
C LYS B 102 -29.93 43.41 -33.61
N ASP B 103 -29.71 44.41 -32.75
CA ASP B 103 -30.53 45.61 -32.75
C ASP B 103 -30.20 46.41 -34.00
N PRO B 104 -31.19 46.63 -34.87
CA PRO B 104 -30.94 47.37 -36.11
C PRO B 104 -30.38 48.78 -35.86
N VAL B 105 -30.80 49.41 -34.76
CA VAL B 105 -30.34 50.77 -34.44
C VAL B 105 -28.98 50.79 -33.76
N SER B 106 -28.92 50.23 -32.55
CA SER B 106 -27.72 50.27 -31.72
C SER B 106 -26.65 49.27 -32.16
N ARG B 107 -27.04 48.32 -32.99
CA ARG B 107 -26.14 47.26 -33.48
C ARG B 107 -25.71 46.26 -32.40
N THR B 108 -26.35 46.31 -31.23
CA THR B 108 -26.02 45.39 -30.15
C THR B 108 -26.48 43.97 -30.48
N PRO B 109 -25.53 43.02 -30.55
CA PRO B 109 -25.82 41.62 -30.87
C PRO B 109 -26.28 40.80 -29.67
N ALA B 110 -27.03 39.75 -29.94
CA ALA B 110 -27.52 38.86 -28.89
C ALA B 110 -27.57 37.41 -29.39
N LEU B 111 -27.29 36.47 -28.50
CA LEU B 111 -27.42 35.06 -28.84
C LEU B 111 -28.73 34.55 -28.26
N VAL B 112 -29.39 33.66 -28.98
CA VAL B 112 -30.64 33.08 -28.48
C VAL B 112 -30.47 31.58 -28.28
N PHE B 113 -30.67 31.13 -27.05
CA PHE B 113 -30.47 29.73 -26.70
C PHE B 113 -31.79 29.04 -26.40
N GLU B 114 -31.84 27.73 -26.61
CA GLU B 114 -32.97 26.93 -26.18
C GLU B 114 -33.15 27.03 -24.67
N HIS B 115 -34.39 27.03 -24.20
CA HIS B 115 -34.63 27.15 -22.78
C HIS B 115 -34.29 25.83 -22.05
N VAL B 116 -33.65 25.91 -20.89
CA VAL B 116 -33.41 24.70 -20.09
C VAL B 116 -33.68 25.05 -18.62
N ASN B 117 -34.47 24.24 -17.93
CA ASN B 117 -34.73 24.48 -16.50
C ASN B 117 -33.52 24.30 -15.56
N ASN B 118 -33.17 25.37 -14.87
CA ASN B 118 -32.06 25.44 -13.91
C ASN B 118 -32.47 25.23 -12.44
N THR B 119 -31.91 24.21 -11.82
CA THR B 119 -31.99 24.15 -10.35
C THR B 119 -30.56 24.58 -10.05
N ASP B 120 -30.36 25.51 -9.11
CA ASP B 120 -28.99 25.99 -9.01
C ASP B 120 -28.16 25.21 -8.03
N PHE B 121 -26.86 25.23 -8.28
CA PHE B 121 -25.92 24.34 -7.60
C PHE B 121 -25.79 24.56 -6.11
N LYS B 122 -25.98 25.78 -5.64
CA LYS B 122 -25.91 25.98 -4.20
C LYS B 122 -27.06 25.22 -3.56
N GLN B 123 -28.22 25.22 -4.21
CA GLN B 123 -29.39 24.51 -3.73
C GLN B 123 -29.41 23.02 -4.10
N LEU B 124 -28.96 22.71 -5.32
CA LEU B 124 -29.09 21.34 -5.84
C LEU B 124 -28.05 20.37 -5.28
N TYR B 125 -26.81 20.83 -5.22
CA TYR B 125 -25.67 19.94 -4.91
C TYR B 125 -25.85 19.28 -3.56
N GLN B 126 -26.43 20.02 -2.62
CA GLN B 126 -26.63 19.55 -1.26
C GLN B 126 -27.64 18.43 -1.14
N THR B 127 -28.43 18.23 -2.20
CA THR B 127 -29.48 17.23 -2.19
C THR B 127 -29.16 15.98 -3.02
N LEU B 128 -28.03 16.00 -3.72
CA LEU B 128 -27.68 14.89 -4.59
C LEU B 128 -27.12 13.69 -3.83
N THR B 129 -27.52 12.49 -4.27
CA THR B 129 -26.97 11.25 -3.76
C THR B 129 -25.60 10.97 -4.36
N ASP B 130 -24.95 9.91 -3.86
CA ASP B 130 -23.66 9.47 -4.40
C ASP B 130 -23.82 9.16 -5.89
N TYR B 131 -24.90 8.45 -6.20
CA TYR B 131 -25.21 8.04 -7.57
C TYR B 131 -25.45 9.26 -8.46
N ASP B 132 -26.18 10.24 -7.94
CA ASP B 132 -26.52 11.44 -8.69
C ASP B 132 -25.28 12.20 -9.12
N ILE B 133 -24.30 12.28 -8.22
CA ILE B 133 -23.03 12.93 -8.53
C ILE B 133 -22.31 12.21 -9.66
N ARG B 134 -22.26 10.88 -9.59
CA ARG B 134 -21.60 10.08 -10.62
C ARG B 134 -22.30 10.21 -11.97
N PHE B 135 -23.63 10.21 -11.95
CA PHE B 135 -24.43 10.34 -13.16
C PHE B 135 -24.16 11.65 -13.88
N TYR B 136 -24.24 12.75 -13.14
CA TYR B 136 -24.08 14.08 -13.74
C TYR B 136 -22.64 14.36 -14.16
N MET B 137 -21.68 13.80 -13.42
CA MET B 137 -20.27 13.91 -13.79
C MET B 137 -20.01 13.19 -15.11
N TYR B 138 -20.66 12.04 -15.29
CA TYR B 138 -20.54 11.27 -16.52
C TYR B 138 -21.12 12.05 -17.69
N GLU B 139 -22.24 12.73 -17.44
CA GLU B 139 -22.89 13.54 -18.46
C GLU B 139 -22.02 14.72 -18.91
N ILE B 140 -21.35 15.34 -17.94
CA ILE B 140 -20.43 16.43 -18.25
C ILE B 140 -19.26 15.92 -19.09
N LEU B 141 -18.78 14.73 -18.76
CA LEU B 141 -17.70 14.10 -19.51
C LEU B 141 -18.10 13.83 -20.96
N LYS B 142 -19.37 13.51 -21.19
CA LYS B 142 -19.88 13.33 -22.55
C LYS B 142 -19.69 14.59 -23.38
N ALA B 143 -20.02 15.74 -22.77
CA ALA B 143 -19.89 17.04 -23.42
C ALA B 143 -18.43 17.40 -23.67
N LEU B 144 -17.58 17.09 -22.69
CA LEU B 144 -16.16 17.44 -22.80
C LEU B 144 -15.45 16.58 -23.84
N ASP B 145 -15.71 15.28 -23.84
CA ASP B 145 -15.12 14.38 -24.81
C ASP B 145 -15.52 14.76 -26.23
N TYR B 146 -16.77 15.18 -26.41
CA TYR B 146 -17.24 15.60 -27.73
C TYR B 146 -16.52 16.85 -28.20
N CYS B 147 -16.52 17.89 -27.37
CA CYS B 147 -15.94 19.17 -27.77
C CYS B 147 -14.43 19.09 -27.95
N HIS B 148 -13.76 18.30 -27.12
CA HIS B 148 -12.33 18.05 -27.29
C HIS B 148 -12.04 17.33 -28.61
N SER B 149 -12.88 16.36 -28.95
CA SER B 149 -12.71 15.61 -30.20
C SER B 149 -12.99 16.51 -31.40
N MET B 150 -13.74 17.58 -31.16
CA MET B 150 -14.03 18.57 -32.18
C MET B 150 -13.01 19.71 -32.14
N GLY B 151 -11.91 19.47 -31.44
CA GLY B 151 -10.81 20.42 -31.41
C GLY B 151 -11.08 21.66 -30.58
N ILE B 152 -11.92 21.54 -29.56
CA ILE B 152 -12.32 22.69 -28.77
C ILE B 152 -12.13 22.46 -27.27
N MET B 153 -11.48 23.39 -26.60
CA MET B 153 -11.40 23.38 -25.15
C MET B 153 -12.37 24.43 -24.60
N HIS B 154 -13.11 24.07 -23.55
CA HIS B 154 -14.11 24.95 -22.98
C HIS B 154 -13.47 26.11 -22.22
N ARG B 155 -12.50 25.79 -21.38
CA ARG B 155 -11.72 26.76 -20.62
C ARG B 155 -12.52 27.54 -19.57
N ASP B 156 -13.70 27.05 -19.22
CA ASP B 156 -14.49 27.68 -18.17
C ASP B 156 -15.44 26.69 -17.50
N VAL B 157 -14.97 25.47 -17.27
CA VAL B 157 -15.80 24.45 -16.62
C VAL B 157 -15.96 24.78 -15.14
N LYS B 158 -17.21 24.91 -14.72
CA LYS B 158 -17.54 25.21 -13.33
C LYS B 158 -19.04 25.00 -13.11
N PRO B 159 -19.48 24.86 -11.85
CA PRO B 159 -20.90 24.59 -11.56
C PRO B 159 -21.84 25.61 -12.17
N HIS B 160 -21.41 26.87 -12.23
CA HIS B 160 -22.22 27.94 -12.79
C HIS B 160 -22.52 27.72 -14.28
N ASN B 161 -21.63 26.99 -14.94
CA ASN B 161 -21.76 26.72 -16.37
C ASN B 161 -22.34 25.35 -16.70
N VAL B 162 -22.93 24.71 -15.70
CA VAL B 162 -23.60 23.42 -15.90
C VAL B 162 -25.07 23.51 -15.50
N MET B 163 -25.95 23.57 -16.50
CA MET B 163 -27.37 23.66 -16.24
C MET B 163 -27.96 22.26 -16.08
N ILE B 164 -28.70 22.06 -15.00
CA ILE B 164 -29.27 20.75 -14.71
C ILE B 164 -30.77 20.82 -14.44
N ASP B 165 -31.54 20.12 -15.26
CA ASP B 165 -32.96 19.90 -14.97
C ASP B 165 -33.06 18.58 -14.23
N HIS B 166 -33.05 18.64 -12.90
CA HIS B 166 -32.97 17.43 -12.09
C HIS B 166 -34.22 16.57 -12.21
N GLU B 167 -35.35 17.23 -12.49
CA GLU B 167 -36.61 16.52 -12.66
C GLU B 167 -36.55 15.56 -13.85
N HIS B 168 -35.98 16.04 -14.96
CA HIS B 168 -35.88 15.21 -16.16
C HIS B 168 -34.47 14.63 -16.30
N ARG B 169 -33.63 14.87 -15.29
CA ARG B 169 -32.27 14.35 -15.23
C ARG B 169 -31.44 14.65 -16.48
N LYS B 170 -31.63 15.85 -17.02
CA LYS B 170 -30.90 16.30 -18.22
C LYS B 170 -29.90 17.41 -17.89
N LEU B 171 -28.79 17.43 -18.61
CA LEU B 171 -27.69 18.34 -18.32
C LEU B 171 -27.18 19.04 -19.58
N ARG B 172 -26.83 20.33 -19.43
CA ARG B 172 -26.27 21.11 -20.51
C ARG B 172 -25.04 21.90 -20.08
N LEU B 173 -23.98 21.83 -20.87
CA LEU B 173 -22.79 22.65 -20.66
C LEU B 173 -22.97 23.96 -21.43
N ILE B 174 -22.92 25.08 -20.71
CA ILE B 174 -23.22 26.38 -21.32
C ILE B 174 -22.06 27.37 -21.25
N ASP B 175 -22.31 28.58 -21.75
CA ASP B 175 -21.33 29.67 -21.77
C ASP B 175 -19.98 29.30 -22.41
N TRP B 176 -19.96 29.35 -23.74
CA TRP B 176 -18.77 29.01 -24.50
C TRP B 176 -18.01 30.26 -24.93
N GLY B 177 -18.21 31.34 -24.19
CA GLY B 177 -17.59 32.62 -24.51
C GLY B 177 -16.09 32.64 -24.29
N LEU B 178 -15.57 31.66 -23.56
CA LEU B 178 -14.13 31.57 -23.33
C LEU B 178 -13.51 30.39 -24.09
N ALA B 179 -14.35 29.60 -24.75
CA ALA B 179 -13.89 28.41 -25.46
C ALA B 179 -12.94 28.77 -26.60
N GLU B 180 -12.05 27.85 -26.96
CA GLU B 180 -11.02 28.14 -27.96
C GLU B 180 -10.62 26.88 -28.72
N PHE B 181 -10.18 27.06 -29.96
CA PHE B 181 -9.68 25.97 -30.80
C PHE B 181 -8.27 25.56 -30.41
N TYR B 182 -8.02 24.26 -30.30
CA TYR B 182 -6.68 23.78 -30.00
C TYR B 182 -5.85 23.61 -31.27
N HIS B 183 -4.71 24.26 -31.31
CA HIS B 183 -3.76 24.07 -32.40
C HIS B 183 -2.43 23.69 -31.77
N PRO B 184 -1.88 22.52 -32.16
CA PRO B 184 -0.66 22.00 -31.55
C PRO B 184 0.50 22.97 -31.64
N GLY B 185 1.06 23.35 -30.48
CA GLY B 185 2.20 24.24 -30.43
C GLY B 185 1.85 25.69 -30.19
N GLN B 186 0.56 26.01 -30.19
CA GLN B 186 0.13 27.39 -30.01
C GLN B 186 0.13 27.80 -28.54
N GLU B 187 0.60 29.02 -28.29
CA GLU B 187 0.59 29.57 -26.94
C GLU B 187 -0.67 30.41 -26.73
N TYR B 188 -1.37 30.12 -25.64
CA TYR B 188 -2.65 30.75 -25.36
C TYR B 188 -2.59 31.70 -24.17
N ASN B 189 -3.58 32.58 -24.11
CA ASN B 189 -3.75 33.47 -22.97
C ASN B 189 -4.05 32.64 -21.73
N VAL B 190 -3.34 32.90 -20.63
CA VAL B 190 -3.59 32.15 -19.41
C VAL B 190 -4.66 32.79 -18.53
N ARG B 191 -5.12 33.97 -18.92
CA ARG B 191 -6.19 34.63 -18.18
C ARG B 191 -7.55 34.09 -18.65
N VAL B 192 -7.81 32.82 -18.38
CA VAL B 192 -9.09 32.23 -18.74
C VAL B 192 -9.63 31.46 -17.54
N ALA B 193 -10.86 30.97 -17.65
CA ALA B 193 -11.51 30.27 -16.55
C ALA B 193 -11.71 31.17 -15.33
N SER B 194 -12.50 30.68 -14.37
CA SER B 194 -12.65 31.38 -13.11
C SER B 194 -11.53 30.91 -12.20
N ARG B 195 -11.08 31.80 -11.32
CA ARG B 195 -9.89 31.58 -10.49
C ARG B 195 -9.86 30.21 -9.81
N TYR B 196 -10.98 29.85 -9.20
CA TYR B 196 -11.06 28.63 -8.41
C TYR B 196 -10.93 27.36 -9.25
N PHE B 197 -11.09 27.49 -10.56
CA PHE B 197 -11.08 26.32 -11.44
C PHE B 197 -9.92 26.36 -12.44
N LYS B 198 -9.05 27.34 -12.27
CA LYS B 198 -7.84 27.47 -13.11
C LYS B 198 -6.84 26.36 -12.83
N GLY B 199 -6.36 25.73 -13.90
CA GLY B 199 -5.34 24.72 -13.75
C GLY B 199 -4.03 25.39 -13.37
N PRO B 200 -3.11 24.62 -12.75
CA PRO B 200 -1.79 25.11 -12.36
C PRO B 200 -0.99 25.70 -13.53
N GLU B 201 -1.19 25.19 -14.74
CA GLU B 201 -0.50 25.70 -15.92
C GLU B 201 -0.81 27.17 -16.17
N LEU B 202 -2.04 27.57 -15.87
CA LEU B 202 -2.47 28.96 -16.02
C LEU B 202 -1.85 29.84 -14.94
N LEU B 203 -1.78 29.30 -13.73
CA LEU B 203 -1.32 30.05 -12.58
C LEU B 203 0.18 30.31 -12.60
N VAL B 204 0.93 29.39 -13.21
CA VAL B 204 2.38 29.56 -13.34
C VAL B 204 2.73 30.13 -14.71
N ASP B 205 1.70 30.48 -15.48
CA ASP B 205 1.86 31.11 -16.79
C ASP B 205 2.53 30.20 -17.81
N TYR B 206 2.03 28.99 -17.95
CA TYR B 206 2.48 28.10 -19.02
C TYR B 206 1.45 28.13 -20.13
N GLN B 207 1.83 28.72 -21.26
CA GLN B 207 0.87 29.08 -22.31
C GLN B 207 0.53 27.97 -23.29
N MET B 208 1.39 26.96 -23.40
CA MET B 208 1.19 25.91 -24.38
C MET B 208 0.34 24.77 -23.81
N TYR B 209 -0.83 25.13 -23.29
CA TYR B 209 -1.73 24.17 -22.67
C TYR B 209 -2.75 23.60 -23.66
N ASP B 210 -3.60 22.69 -23.18
CA ASP B 210 -4.54 21.99 -24.07
C ASP B 210 -5.84 21.62 -23.35
N TYR B 211 -6.52 20.61 -23.90
CA TYR B 211 -7.81 20.14 -23.39
C TYR B 211 -7.75 19.76 -21.92
N SER B 212 -6.57 19.34 -21.47
CA SER B 212 -6.39 18.86 -20.10
C SER B 212 -6.70 19.93 -19.06
N LEU B 213 -6.76 21.19 -19.49
CA LEU B 213 -7.18 22.28 -18.63
C LEU B 213 -8.59 22.06 -18.10
N ASP B 214 -9.49 21.62 -18.97
CA ASP B 214 -10.87 21.36 -18.60
C ASP B 214 -10.98 20.23 -17.59
N MET B 215 -10.05 19.29 -17.67
CA MET B 215 -10.08 18.12 -16.79
C MET B 215 -9.68 18.47 -15.36
N TRP B 216 -8.79 19.46 -15.23
CA TRP B 216 -8.46 19.98 -13.92
C TRP B 216 -9.68 20.64 -13.30
N SER B 217 -10.36 21.48 -14.09
CA SER B 217 -11.54 22.21 -13.65
C SER B 217 -12.63 21.25 -13.19
N LEU B 218 -12.79 20.16 -13.94
CA LEU B 218 -13.76 19.13 -13.59
C LEU B 218 -13.41 18.48 -12.26
N GLY B 219 -12.11 18.29 -12.03
CA GLY B 219 -11.62 17.74 -10.78
C GLY B 219 -11.97 18.63 -9.61
N CYS B 220 -11.88 19.94 -9.83
CA CYS B 220 -12.24 20.92 -8.81
C CYS B 220 -13.72 20.84 -8.45
N MET B 221 -14.58 20.65 -9.45
CA MET B 221 -16.01 20.50 -9.22
C MET B 221 -16.30 19.25 -8.41
N LEU B 222 -15.69 18.14 -8.81
CA LEU B 222 -15.87 16.85 -8.13
C LEU B 222 -15.45 16.91 -6.67
N ALA B 223 -14.30 17.51 -6.42
CA ALA B 223 -13.79 17.63 -5.06
C ALA B 223 -14.78 18.40 -4.19
N SER B 224 -15.33 19.48 -4.73
CA SER B 224 -16.27 20.31 -4.00
C SER B 224 -17.58 19.58 -3.69
N MET B 225 -17.97 18.66 -4.58
CA MET B 225 -19.24 17.96 -4.42
C MET B 225 -19.18 16.76 -3.47
N ILE B 226 -18.14 15.95 -3.57
CA ILE B 226 -18.03 14.78 -2.71
C ILE B 226 -17.54 15.11 -1.31
N PHE B 227 -16.88 16.27 -1.17
CA PHE B 227 -16.34 16.70 0.11
C PHE B 227 -17.18 17.78 0.77
N ARG B 228 -18.17 18.29 0.04
CA ARG B 228 -19.02 19.39 0.52
C ARG B 228 -18.16 20.59 0.90
N LYS B 229 -17.29 21.01 -0.02
CA LYS B 229 -16.41 22.14 0.21
C LYS B 229 -16.32 22.97 -1.06
N GLU B 230 -17.15 24.00 -1.14
CA GLU B 230 -17.28 24.80 -2.36
C GLU B 230 -16.89 26.26 -2.13
N PRO B 231 -15.89 26.76 -2.87
CA PRO B 231 -15.07 26.00 -3.82
C PRO B 231 -13.99 25.22 -3.08
N PHE B 232 -13.41 24.20 -3.71
CA PHE B 232 -12.42 23.37 -3.02
C PHE B 232 -11.10 24.10 -2.77
N PHE B 233 -10.55 24.71 -3.81
CA PHE B 233 -9.36 25.55 -3.71
C PHE B 233 -9.77 27.02 -3.72
N HIS B 234 -9.66 27.68 -2.58
CA HIS B 234 -10.27 29.00 -2.40
C HIS B 234 -9.26 30.14 -2.25
N GLY B 235 -8.60 30.50 -3.34
CA GLY B 235 -7.61 31.58 -3.32
C GLY B 235 -8.25 32.95 -3.47
N HIS B 236 -7.62 33.99 -2.93
CA HIS B 236 -8.16 35.35 -3.07
C HIS B 236 -7.67 36.03 -4.35
N ASP B 237 -6.57 35.54 -4.91
CA ASP B 237 -6.10 35.95 -6.24
C ASP B 237 -5.31 34.82 -6.91
N ASN B 238 -4.82 35.04 -8.13
CA ASN B 238 -4.13 33.98 -8.86
C ASN B 238 -2.91 33.39 -8.16
N TYR B 239 -2.14 34.24 -7.50
CA TYR B 239 -0.97 33.80 -6.76
C TYR B 239 -1.37 32.97 -5.54
N ASP B 240 -2.31 33.49 -4.75
CA ASP B 240 -2.77 32.77 -3.57
C ASP B 240 -3.45 31.45 -3.94
N GLN B 241 -4.06 31.42 -5.12
CA GLN B 241 -4.74 30.24 -5.62
C GLN B 241 -3.82 29.02 -5.74
N LEU B 242 -2.61 29.25 -6.25
CA LEU B 242 -1.64 28.17 -6.38
C LEU B 242 -1.18 27.70 -5.01
N VAL B 243 -1.07 28.64 -4.07
CA VAL B 243 -0.71 28.29 -2.70
C VAL B 243 -1.76 27.35 -2.09
N ARG B 244 -3.04 27.65 -2.34
CA ARG B 244 -4.12 26.82 -1.82
C ARG B 244 -4.02 25.41 -2.40
N ILE B 245 -3.67 25.33 -3.67
CA ILE B 245 -3.47 24.04 -4.34
C ILE B 245 -2.25 23.30 -3.79
N ALA B 246 -1.16 24.02 -3.60
CA ALA B 246 0.09 23.43 -3.13
C ALA B 246 -0.03 22.84 -1.72
N LYS B 247 -0.94 23.38 -0.93
CA LYS B 247 -1.17 22.87 0.43
C LYS B 247 -1.87 21.52 0.40
N VAL B 248 -2.42 21.16 -0.76
CA VAL B 248 -3.09 19.87 -0.93
C VAL B 248 -2.23 18.89 -1.74
N LEU B 249 -1.77 19.31 -2.92
CA LEU B 249 -0.99 18.44 -3.79
C LEU B 249 0.48 18.36 -3.37
N GLY B 250 0.90 19.29 -2.53
CA GLY B 250 2.28 19.34 -2.06
C GLY B 250 3.15 20.20 -2.95
N THR B 251 4.22 20.74 -2.40
CA THR B 251 5.10 21.63 -3.17
C THR B 251 6.19 20.89 -3.94
N GLU B 252 6.51 19.68 -3.51
CA GLU B 252 7.53 18.87 -4.19
C GLU B 252 7.13 18.55 -5.62
N ASP B 253 5.90 18.09 -5.81
CA ASP B 253 5.41 17.76 -7.15
C ASP B 253 5.22 19.02 -7.98
N LEU B 254 4.98 20.14 -7.32
CA LEU B 254 4.86 21.42 -8.00
C LEU B 254 6.18 21.82 -8.64
N TYR B 255 7.26 21.72 -7.86
CA TYR B 255 8.57 22.08 -8.36
C TYR B 255 9.11 21.08 -9.38
N ASP B 256 8.67 19.83 -9.27
CA ASP B 256 8.94 18.82 -10.30
C ASP B 256 8.33 19.23 -11.63
N TYR B 257 7.09 19.70 -11.56
CA TYR B 257 6.33 20.14 -12.72
C TYR B 257 7.00 21.34 -13.38
N ILE B 258 7.34 22.34 -12.58
CA ILE B 258 8.03 23.53 -13.05
C ILE B 258 9.38 23.19 -13.70
N ASP B 259 10.12 22.28 -13.07
CA ASP B 259 11.39 21.83 -13.62
C ASP B 259 11.20 21.11 -14.95
N LYS B 260 10.22 20.22 -14.99
CA LYS B 260 9.97 19.39 -16.18
C LYS B 260 9.71 20.21 -17.44
N TYR B 261 8.96 21.31 -17.31
CA TYR B 261 8.64 22.15 -18.46
C TYR B 261 9.48 23.41 -18.57
N ASN B 262 10.51 23.51 -17.73
CA ASN B 262 11.38 24.67 -17.68
C ASN B 262 10.58 25.97 -17.57
N ILE B 263 9.63 25.96 -16.65
CA ILE B 263 8.76 27.10 -16.40
C ILE B 263 9.51 28.09 -15.52
N GLU B 264 9.43 29.36 -15.89
CA GLU B 264 10.01 30.40 -15.06
C GLU B 264 8.98 30.87 -14.07
N LEU B 265 9.15 30.46 -12.81
CA LEU B 265 8.18 30.84 -11.81
C LEU B 265 8.33 32.31 -11.47
N ASP B 266 7.19 33.00 -11.49
CA ASP B 266 7.11 34.39 -11.07
C ASP B 266 7.71 34.51 -9.68
N PRO B 267 8.68 35.42 -9.49
CA PRO B 267 9.36 35.61 -8.20
C PRO B 267 8.37 35.99 -7.09
N ARG B 268 7.17 36.40 -7.48
CA ARG B 268 6.11 36.73 -6.54
C ARG B 268 5.61 35.51 -5.77
N PHE B 269 5.95 34.33 -6.27
CA PHE B 269 5.64 33.06 -5.63
C PHE B 269 6.60 32.66 -4.51
N ASN B 270 7.78 33.26 -4.51
CA ASN B 270 8.86 32.89 -3.59
C ASN B 270 8.58 32.88 -2.07
N ASP B 271 7.92 33.92 -1.60
CA ASP B 271 7.66 34.10 -0.16
C ASP B 271 6.29 33.59 0.28
N ILE B 272 5.55 32.95 -0.62
CA ILE B 272 4.18 32.54 -0.33
C ILE B 272 3.93 31.04 -0.44
N LEU B 273 4.68 30.34 -1.29
CA LEU B 273 4.41 28.93 -1.52
C LEU B 273 4.72 28.09 -0.29
N GLY B 274 5.82 28.40 0.39
CA GLY B 274 6.20 27.63 1.57
C GLY B 274 6.53 26.20 1.22
N ARG B 275 6.43 25.31 2.21
CA ARG B 275 6.69 23.90 1.98
C ARG B 275 5.57 23.06 2.55
N HIS B 276 4.99 22.21 1.70
CA HIS B 276 3.83 21.43 2.08
C HIS B 276 3.96 20.02 1.55
N SER B 277 3.65 19.04 2.40
CA SER B 277 3.62 17.65 2.01
C SER B 277 2.37 17.36 1.19
N ARG B 278 2.43 16.32 0.35
CA ARG B 278 1.25 15.91 -0.40
C ARG B 278 0.28 15.30 0.59
N LYS B 279 -0.96 15.78 0.56
CA LYS B 279 -2.02 15.31 1.44
C LYS B 279 -2.84 14.14 0.88
N ARG B 280 -3.08 13.14 1.72
CA ARG B 280 -3.95 12.04 1.32
C ARG B 280 -5.36 12.60 1.17
N TRP B 281 -6.09 12.14 0.15
CA TRP B 281 -7.44 12.63 -0.11
C TRP B 281 -8.43 12.30 1.01
N GLU B 282 -8.13 11.25 1.76
CA GLU B 282 -8.98 10.82 2.87
C GLU B 282 -9.06 11.88 3.98
N ARG B 283 -8.08 12.77 4.04
CA ARG B 283 -8.07 13.81 5.06
C ARG B 283 -9.28 14.75 4.98
N PHE B 284 -9.87 14.84 3.79
CA PHE B 284 -11.00 15.74 3.57
C PHE B 284 -12.35 15.05 3.81
N VAL B 285 -12.29 13.78 4.17
CA VAL B 285 -13.47 12.97 4.45
C VAL B 285 -13.92 13.12 5.90
N HIS B 286 -15.22 13.34 6.10
CA HIS B 286 -15.78 13.39 7.45
C HIS B 286 -17.21 12.83 7.48
N SER B 287 -17.85 12.91 8.63
CA SER B 287 -19.16 12.28 8.84
C SER B 287 -20.26 12.78 7.92
N GLU B 288 -20.20 14.06 7.58
CA GLU B 288 -21.24 14.68 6.76
C GLU B 288 -21.10 14.40 5.26
N ASN B 289 -19.91 14.00 4.83
CA ASN B 289 -19.67 13.80 3.41
C ASN B 289 -19.31 12.35 3.02
N GLN B 290 -19.17 11.50 4.03
CA GLN B 290 -18.64 10.15 3.83
C GLN B 290 -19.48 9.29 2.87
N HIS B 291 -20.78 9.57 2.80
CA HIS B 291 -21.66 8.82 1.91
C HIS B 291 -21.44 9.16 0.44
N LEU B 292 -20.68 10.22 0.17
CA LEU B 292 -20.42 10.62 -1.21
C LEU B 292 -19.03 10.19 -1.66
N VAL B 293 -18.24 9.70 -0.71
CA VAL B 293 -16.86 9.32 -0.98
C VAL B 293 -16.67 7.80 -1.01
N SER B 294 -15.87 7.33 -1.97
CA SER B 294 -15.55 5.91 -2.10
C SER B 294 -14.09 5.82 -2.55
N PRO B 295 -13.49 4.63 -2.45
CA PRO B 295 -12.12 4.46 -2.98
C PRO B 295 -12.03 4.80 -4.46
N GLU B 296 -13.08 4.51 -5.21
CA GLU B 296 -13.12 4.81 -6.63
C GLU B 296 -13.18 6.32 -6.86
N ALA B 297 -13.96 7.01 -6.06
CA ALA B 297 -14.11 8.46 -6.17
C ALA B 297 -12.78 9.17 -5.88
N LEU B 298 -12.08 8.70 -4.86
CA LEU B 298 -10.80 9.30 -4.48
C LEU B 298 -9.72 9.04 -5.52
N ASP B 299 -9.72 7.83 -6.08
CA ASP B 299 -8.76 7.46 -7.11
C ASP B 299 -9.01 8.25 -8.38
N PHE B 300 -10.28 8.42 -8.73
CA PHE B 300 -10.66 9.20 -9.91
C PHE B 300 -10.21 10.64 -9.73
N LEU B 301 -10.45 11.19 -8.54
CA LEU B 301 -10.07 12.56 -8.22
C LEU B 301 -8.55 12.71 -8.27
N ASP B 302 -7.84 11.72 -7.76
CA ASP B 302 -6.37 11.75 -7.71
C ASP B 302 -5.77 11.82 -9.11
N LYS B 303 -6.48 11.23 -10.07
CA LYS B 303 -5.99 11.17 -11.44
C LYS B 303 -6.44 12.36 -12.28
N LEU B 304 -7.23 13.24 -11.68
CA LEU B 304 -7.64 14.47 -12.37
C LEU B 304 -6.83 15.65 -11.84
N LEU B 305 -6.74 15.76 -10.52
CA LEU B 305 -6.06 16.88 -9.90
C LEU B 305 -4.56 16.65 -9.77
N ARG B 306 -3.85 16.80 -10.89
CA ARG B 306 -2.40 16.66 -10.93
C ARG B 306 -1.77 17.88 -11.59
N TYR B 307 -0.64 18.32 -11.07
CA TYR B 307 0.09 19.45 -11.63
C TYR B 307 0.37 19.24 -13.11
N ASP B 308 0.97 18.10 -13.44
CA ASP B 308 1.34 17.80 -14.82
C ASP B 308 0.08 17.57 -15.65
N HIS B 309 -0.25 18.55 -16.49
CA HIS B 309 -1.44 18.48 -17.35
C HIS B 309 -1.45 17.24 -18.25
N GLN B 310 -0.26 16.80 -18.66
CA GLN B 310 -0.14 15.62 -19.51
C GLN B 310 -0.53 14.33 -18.79
N SER B 311 -0.37 14.31 -17.48
CA SER B 311 -0.62 13.09 -16.71
C SER B 311 -2.09 12.94 -16.29
N ARG B 312 -2.86 14.02 -16.41
CA ARG B 312 -4.27 13.97 -16.06
C ARG B 312 -5.03 13.06 -17.01
N LEU B 313 -6.10 12.44 -16.52
CA LEU B 313 -6.98 11.66 -17.37
C LEU B 313 -7.58 12.52 -18.47
N THR B 314 -7.70 11.96 -19.66
CA THR B 314 -8.46 12.59 -20.72
C THR B 314 -9.93 12.36 -20.42
N ALA B 315 -10.80 13.04 -21.14
CA ALA B 315 -12.24 12.87 -20.97
C ALA B 315 -12.63 11.42 -21.19
N ARG B 316 -12.06 10.81 -22.22
CA ARG B 316 -12.38 9.43 -22.57
C ARG B 316 -11.87 8.44 -21.53
N GLU B 317 -10.64 8.65 -21.06
CA GLU B 317 -10.07 7.82 -20.00
C GLU B 317 -10.88 7.95 -18.71
N ALA B 318 -11.38 9.14 -18.45
CA ALA B 318 -12.18 9.40 -17.24
C ALA B 318 -13.48 8.60 -17.25
N MET B 319 -14.10 8.52 -18.43
CA MET B 319 -15.36 7.79 -18.58
C MET B 319 -15.18 6.28 -18.42
N GLU B 320 -13.95 5.82 -18.49
CA GLU B 320 -13.65 4.40 -18.37
C GLU B 320 -13.22 4.02 -16.94
N HIS B 321 -13.21 4.99 -16.05
CA HIS B 321 -12.81 4.76 -14.67
C HIS B 321 -13.89 3.98 -13.92
N PRO B 322 -13.47 3.08 -13.01
CA PRO B 322 -14.37 2.27 -12.18
C PRO B 322 -15.42 3.09 -11.42
N TYR B 323 -15.14 4.37 -11.19
CA TYR B 323 -16.08 5.27 -10.53
C TYR B 323 -17.44 5.32 -11.23
N PHE B 324 -17.44 5.12 -12.55
CA PHE B 324 -18.67 5.19 -13.33
C PHE B 324 -19.24 3.84 -13.75
N TYR B 325 -18.70 2.75 -13.21
CA TYR B 325 -19.09 1.41 -13.63
C TYR B 325 -20.59 1.15 -13.53
N THR B 326 -21.20 1.54 -12.42
CA THR B 326 -22.63 1.30 -12.22
C THR B 326 -23.47 2.20 -13.14
N VAL B 327 -22.99 3.43 -13.35
CA VAL B 327 -23.64 4.38 -14.26
C VAL B 327 -23.62 3.83 -15.69
N VAL B 328 -22.46 3.33 -16.10
CA VAL B 328 -22.24 2.76 -17.43
C VAL B 328 -23.11 1.53 -17.66
N LYS B 329 -23.22 0.70 -16.62
CA LYS B 329 -24.02 -0.53 -16.67
C LYS B 329 -25.50 -0.22 -16.91
N ASP B 330 -25.98 0.89 -16.34
CA ASP B 330 -27.36 1.30 -16.55
C ASP B 330 -27.56 1.87 -17.95
N GLN B 331 -27.58 0.97 -18.93
CA GLN B 331 -27.74 1.33 -20.34
C GLN B 331 -28.35 0.18 -21.14
N SER C 2 -37.99 -13.78 15.58
CA SER C 2 -37.23 -14.79 16.31
C SER C 2 -36.00 -15.23 15.53
N GLY C 3 -34.89 -14.52 15.74
CA GLY C 3 -33.67 -14.82 15.02
C GLY C 3 -32.78 -15.82 15.75
N PRO C 4 -31.61 -16.12 15.18
CA PRO C 4 -30.67 -17.06 15.79
C PRO C 4 -30.01 -16.45 17.02
N VAL C 5 -29.66 -17.28 18.00
CA VAL C 5 -28.95 -16.80 19.19
C VAL C 5 -27.50 -16.47 18.84
N PRO C 6 -27.02 -15.30 19.29
CA PRO C 6 -25.64 -14.87 19.03
C PRO C 6 -24.61 -15.78 19.68
N SER C 7 -23.38 -15.75 19.17
CA SER C 7 -22.31 -16.58 19.70
C SER C 7 -20.95 -15.87 19.70
N ARG C 8 -20.07 -16.29 20.61
CA ARG C 8 -18.73 -15.73 20.70
C ARG C 8 -17.70 -16.84 20.86
N ALA C 9 -16.49 -16.60 20.37
CA ALA C 9 -15.37 -17.52 20.58
C ALA C 9 -15.02 -17.56 22.06
N ARG C 10 -14.70 -18.74 22.58
CA ARG C 10 -14.34 -18.89 23.99
C ARG C 10 -12.92 -18.37 24.28
N VAL C 11 -12.10 -18.27 23.25
CA VAL C 11 -10.73 -17.84 23.37
C VAL C 11 -10.41 -16.82 22.29
N TYR C 12 -9.46 -15.93 22.57
CA TYR C 12 -8.99 -14.94 21.60
C TYR C 12 -10.17 -14.13 21.03
N THR C 13 -11.17 -13.91 21.87
CA THR C 13 -12.42 -13.29 21.46
C THR C 13 -12.25 -11.86 20.93
N ASP C 14 -11.34 -11.13 21.54
CA ASP C 14 -11.18 -9.70 21.28
C ASP C 14 -9.80 -9.33 20.73
N VAL C 15 -9.12 -10.28 20.08
CA VAL C 15 -7.77 -10.03 19.58
C VAL C 15 -7.72 -8.93 18.51
N ASN C 16 -8.73 -8.88 17.66
CA ASN C 16 -8.78 -7.89 16.61
C ASN C 16 -9.32 -6.60 17.21
N THR C 17 -10.11 -6.78 18.25
CA THR C 17 -10.69 -5.66 18.98
C THR C 17 -9.54 -4.88 19.61
N HIS C 18 -8.45 -5.55 19.98
CA HIS C 18 -7.39 -4.76 20.59
C HIS C 18 -6.37 -4.33 19.55
N ARG C 19 -6.66 -4.58 18.27
CA ARG C 19 -5.74 -4.16 17.22
C ARG C 19 -6.33 -3.05 16.33
N PRO C 20 -5.46 -2.24 15.72
CA PRO C 20 -5.69 -1.13 14.77
C PRO C 20 -6.21 -1.60 13.43
N ARG C 21 -6.86 -0.71 12.68
CA ARG C 21 -7.43 -1.07 11.40
C ARG C 21 -6.32 -1.66 10.52
N GLU C 22 -5.11 -1.09 10.61
CA GLU C 22 -4.02 -1.60 9.77
C GLU C 22 -3.78 -3.10 9.94
N TYR C 23 -4.09 -3.66 11.12
CA TYR C 23 -3.86 -5.09 11.30
C TYR C 23 -4.85 -5.94 10.50
N TRP C 24 -6.13 -5.61 10.62
CA TRP C 24 -7.22 -6.41 10.03
C TRP C 24 -7.94 -5.84 8.81
N ASP C 25 -7.78 -4.55 8.55
CA ASP C 25 -8.45 -3.91 7.41
C ASP C 25 -7.67 -4.16 6.13
N TYR C 26 -7.77 -5.38 5.62
CA TYR C 26 -6.95 -5.83 4.49
C TYR C 26 -7.22 -5.08 3.18
N GLU C 27 -8.41 -4.52 3.01
CA GLU C 27 -8.73 -3.79 1.79
C GLU C 27 -7.91 -2.50 1.68
N SER C 28 -7.40 -2.04 2.82
CA SER C 28 -6.61 -0.82 2.89
C SER C 28 -5.11 -1.11 2.85
N HIS C 29 -4.76 -2.39 2.83
CA HIS C 29 -3.36 -2.79 2.82
C HIS C 29 -2.68 -2.38 1.53
N VAL C 30 -1.50 -1.78 1.66
CA VAL C 30 -0.71 -1.42 0.49
C VAL C 30 0.33 -2.51 0.25
N VAL C 31 0.22 -3.15 -0.92
CA VAL C 31 1.12 -4.24 -1.28
C VAL C 31 2.48 -3.71 -1.69
N GLU C 32 3.53 -4.33 -1.17
CA GLU C 32 4.87 -3.98 -1.61
C GLU C 32 5.38 -5.04 -2.59
N TRP C 33 5.60 -4.62 -3.83
CA TRP C 33 5.96 -5.55 -4.88
C TRP C 33 7.46 -5.72 -4.98
N GLY C 34 7.89 -6.97 -5.14
CA GLY C 34 9.29 -7.27 -5.35
C GLY C 34 9.63 -7.26 -6.82
N ASN C 35 10.78 -7.85 -7.16
CA ASN C 35 11.26 -7.89 -8.54
C ASN C 35 10.97 -9.24 -9.16
N GLN C 36 10.10 -9.26 -10.17
CA GLN C 36 9.68 -10.50 -10.81
C GLN C 36 10.81 -11.23 -11.52
N ASP C 37 11.82 -10.48 -11.97
CA ASP C 37 12.97 -11.07 -12.66
C ASP C 37 13.84 -11.92 -11.75
N ASP C 38 13.61 -11.85 -10.45
CA ASP C 38 14.32 -12.68 -9.48
C ASP C 38 13.97 -14.16 -9.63
N TYR C 39 12.80 -14.45 -10.16
CA TYR C 39 12.27 -15.81 -10.12
C TYR C 39 12.02 -16.44 -11.48
N GLN C 40 12.33 -17.73 -11.60
CA GLN C 40 12.11 -18.47 -12.84
C GLN C 40 11.44 -19.83 -12.57
N LEU C 41 10.44 -20.16 -13.39
CA LEU C 41 9.65 -21.38 -13.21
C LEU C 41 10.36 -22.66 -13.64
N VAL C 42 10.22 -23.72 -12.83
CA VAL C 42 10.86 -25.00 -13.14
C VAL C 42 9.87 -26.09 -13.56
N ARG C 43 8.84 -26.31 -12.75
CA ARG C 43 7.80 -27.30 -13.09
C ARG C 43 6.48 -27.05 -12.34
N LYS C 44 5.37 -27.43 -12.97
CA LYS C 44 4.04 -27.26 -12.39
C LYS C 44 3.66 -28.28 -11.32
N LEU C 45 2.89 -27.83 -10.34
CA LEU C 45 2.45 -28.65 -9.22
C LEU C 45 0.95 -28.92 -9.15
N GLY C 46 0.12 -28.06 -9.73
CA GLY C 46 -1.31 -28.28 -9.61
C GLY C 46 -2.16 -27.01 -9.62
N ARG C 47 -3.32 -27.06 -10.28
CA ARG C 47 -4.19 -25.89 -10.35
C ARG C 47 -5.50 -26.28 -9.67
N GLY C 48 -6.45 -26.90 -10.38
CA GLY C 48 -7.70 -27.34 -9.78
C GLY C 48 -8.72 -26.37 -9.22
N LYS C 49 -8.64 -25.09 -9.61
CA LYS C 49 -9.56 -24.05 -9.12
C LYS C 49 -9.44 -22.78 -9.97
N TYR C 50 -8.54 -21.90 -9.56
CA TYR C 50 -8.33 -20.62 -10.24
C TYR C 50 -6.94 -20.08 -9.91
N SER C 51 -5.98 -20.99 -9.77
CA SER C 51 -4.62 -20.63 -9.40
C SER C 51 -3.70 -21.70 -9.99
N GLU C 52 -2.44 -21.30 -10.18
CA GLU C 52 -1.38 -22.11 -10.79
C GLU C 52 -0.04 -22.19 -10.07
N VAL C 53 0.22 -23.28 -9.33
CA VAL C 53 1.38 -23.31 -8.47
C VAL C 53 2.50 -24.12 -9.13
N PHE C 54 3.69 -23.54 -9.06
CA PHE C 54 4.90 -24.04 -9.72
C PHE C 54 6.09 -24.15 -8.77
N GLU C 55 6.95 -25.12 -9.01
CA GLU C 55 8.26 -25.12 -8.38
C GLU C 55 9.10 -24.11 -9.17
N ALA C 56 9.87 -23.29 -8.46
CA ALA C 56 10.61 -22.20 -9.09
C ALA C 56 11.96 -21.94 -8.43
N ILE C 57 12.78 -21.10 -9.06
CA ILE C 57 14.08 -20.74 -8.51
C ILE C 57 14.28 -19.22 -8.44
N ASN C 58 14.80 -18.75 -7.30
CA ASN C 58 15.25 -17.39 -7.17
C ASN C 58 16.66 -17.29 -7.75
N ILE C 59 16.79 -16.76 -8.96
CA ILE C 59 18.08 -16.74 -9.65
C ILE C 59 19.09 -15.75 -9.07
N THR C 60 18.65 -14.92 -8.13
CA THR C 60 19.55 -13.96 -7.49
C THR C 60 20.35 -14.62 -6.37
N ASN C 61 19.87 -15.76 -5.89
CA ASN C 61 20.55 -16.48 -4.81
C ASN C 61 20.43 -18.00 -4.94
N ASN C 62 19.86 -18.45 -6.06
CA ASN C 62 19.69 -19.88 -6.31
C ASN C 62 18.92 -20.64 -5.22
N GLU C 63 17.95 -19.97 -4.60
CA GLU C 63 17.12 -20.63 -3.62
C GLU C 63 15.87 -21.21 -4.27
N LYS C 64 15.47 -22.40 -3.85
CA LYS C 64 14.25 -23.00 -4.35
C LYS C 64 13.06 -22.32 -3.69
N VAL C 65 12.06 -21.98 -4.50
CA VAL C 65 10.83 -21.39 -3.97
C VAL C 65 9.62 -22.02 -4.62
N VAL C 66 8.45 -21.71 -4.08
CA VAL C 66 7.20 -22.12 -4.68
C VAL C 66 6.47 -20.87 -5.12
N VAL C 67 6.02 -20.86 -6.37
CA VAL C 67 5.29 -19.70 -6.90
C VAL C 67 3.83 -20.05 -7.15
N LYS C 68 2.93 -19.26 -6.56
CA LYS C 68 1.50 -19.44 -6.78
C LYS C 68 0.92 -18.25 -7.54
N ILE C 69 0.60 -18.46 -8.81
CA ILE C 69 0.00 -17.41 -9.61
C ILE C 69 -1.47 -17.28 -9.21
N LEU C 70 -1.85 -16.06 -8.81
CA LEU C 70 -3.21 -15.79 -8.38
C LEU C 70 -4.02 -15.13 -9.47
N LYS C 71 -4.68 -15.91 -10.32
CA LYS C 71 -5.55 -15.31 -11.30
C LYS C 71 -6.59 -14.55 -10.49
N PRO C 72 -6.74 -13.22 -10.72
CA PRO C 72 -7.73 -12.76 -9.74
C PRO C 72 -9.15 -13.12 -10.14
N VAL C 73 -10.06 -12.98 -9.17
CA VAL C 73 -11.47 -13.20 -9.39
C VAL C 73 -12.12 -12.19 -8.46
N LYS C 74 -11.48 -12.04 -7.30
CA LYS C 74 -11.77 -10.97 -6.35
C LYS C 74 -10.48 -10.28 -5.93
N LYS C 75 -10.46 -8.97 -6.09
CA LYS C 75 -9.28 -8.17 -5.80
C LYS C 75 -9.07 -8.11 -4.28
N LYS C 76 -10.19 -8.12 -3.58
CA LYS C 76 -10.27 -8.06 -2.12
C LYS C 76 -9.65 -9.29 -1.48
N LYS C 77 -9.91 -10.44 -2.09
CA LYS C 77 -9.44 -11.72 -1.58
C LYS C 77 -7.92 -11.84 -1.68
N ILE C 78 -7.32 -11.21 -2.69
CA ILE C 78 -5.87 -11.23 -2.82
C ILE C 78 -5.20 -10.53 -1.64
N LYS C 79 -5.67 -9.33 -1.31
CA LYS C 79 -5.12 -8.55 -0.20
C LYS C 79 -5.37 -9.23 1.14
N ARG C 80 -6.50 -9.89 1.26
CA ARG C 80 -6.85 -10.61 2.49
C ARG C 80 -5.82 -11.70 2.75
N GLU C 81 -5.56 -12.51 1.73
CA GLU C 81 -4.58 -13.59 1.85
C GLU C 81 -3.19 -13.01 2.15
N ILE C 82 -2.83 -11.95 1.43
CA ILE C 82 -1.54 -11.30 1.60
C ILE C 82 -1.36 -10.76 3.03
N LYS C 83 -2.35 -10.00 3.49
CA LYS C 83 -2.29 -9.42 4.83
C LYS C 83 -2.19 -10.47 5.93
N ILE C 84 -2.95 -11.55 5.77
CA ILE C 84 -2.94 -12.64 6.73
C ILE C 84 -1.58 -13.36 6.73
N LEU C 85 -1.04 -13.62 5.55
CA LEU C 85 0.27 -14.24 5.43
C LEU C 85 1.36 -13.39 6.09
N GLU C 86 1.25 -12.08 5.94
CA GLU C 86 2.23 -11.17 6.52
C GLU C 86 2.06 -11.06 8.03
N ASN C 87 0.82 -11.04 8.49
CA ASN C 87 0.53 -11.04 9.91
C ASN C 87 1.08 -12.27 10.62
N LEU C 88 0.96 -13.43 9.98
CA LEU C 88 1.32 -14.71 10.58
C LEU C 88 2.75 -15.15 10.29
N ARG C 89 3.44 -14.41 9.43
CA ARG C 89 4.78 -14.78 9.00
C ARG C 89 5.73 -14.97 10.17
N GLY C 90 6.41 -16.11 10.20
CA GLY C 90 7.33 -16.44 11.27
C GLY C 90 6.70 -17.25 12.39
N GLY C 91 5.39 -17.45 12.30
CA GLY C 91 4.68 -18.24 13.31
C GLY C 91 4.98 -19.72 13.14
N PRO C 92 4.75 -20.51 14.20
CA PRO C 92 5.07 -21.94 14.16
C PRO C 92 4.28 -22.70 13.10
N ASN C 93 5.01 -23.35 12.19
CA ASN C 93 4.40 -24.19 11.15
C ASN C 93 3.50 -23.46 10.17
N ILE C 94 3.67 -22.14 10.07
CA ILE C 94 2.95 -21.35 9.08
C ILE C 94 3.85 -21.20 7.86
N ILE C 95 3.30 -21.44 6.68
CA ILE C 95 4.07 -21.26 5.45
C ILE C 95 4.59 -19.83 5.37
N THR C 96 5.82 -19.67 4.88
CA THR C 96 6.45 -18.36 4.83
C THR C 96 6.34 -17.71 3.46
N LEU C 97 5.66 -16.57 3.41
CA LEU C 97 5.57 -15.78 2.19
C LEU C 97 6.91 -15.05 2.01
N ALA C 98 7.60 -15.36 0.94
CA ALA C 98 8.93 -14.80 0.71
C ALA C 98 8.89 -13.49 -0.07
N ASP C 99 7.93 -13.37 -0.99
CA ASP C 99 7.89 -12.22 -1.87
C ASP C 99 6.53 -12.09 -2.54
N ILE C 100 6.24 -10.89 -3.05
CA ILE C 100 5.03 -10.66 -3.83
C ILE C 100 5.40 -9.89 -5.09
N VAL C 101 5.10 -10.47 -6.24
CA VAL C 101 5.47 -9.83 -7.52
C VAL C 101 4.29 -9.78 -8.47
N LYS C 102 4.45 -9.06 -9.57
CA LYS C 102 3.37 -8.95 -10.55
C LYS C 102 3.94 -8.73 -11.96
N ASP C 103 3.29 -9.33 -12.95
CA ASP C 103 3.66 -9.15 -14.36
C ASP C 103 3.29 -7.74 -14.81
N PRO C 104 4.28 -6.94 -15.24
CA PRO C 104 4.02 -5.57 -15.67
C PRO C 104 3.03 -5.49 -16.85
N VAL C 105 3.05 -6.51 -17.71
CA VAL C 105 2.19 -6.56 -18.88
C VAL C 105 0.78 -7.07 -18.57
N SER C 106 0.68 -8.33 -18.15
CA SER C 106 -0.61 -8.97 -17.94
C SER C 106 -1.29 -8.54 -16.65
N ARG C 107 -0.53 -7.89 -15.77
CA ARG C 107 -1.00 -7.43 -14.46
C ARG C 107 -1.33 -8.57 -13.50
N THR C 108 -0.94 -9.78 -13.86
CA THR C 108 -1.18 -10.95 -13.02
C THR C 108 -0.31 -10.98 -11.78
N PRO C 109 -0.94 -10.96 -10.59
CA PRO C 109 -0.13 -10.99 -9.37
C PRO C 109 0.25 -12.42 -9.00
N ALA C 110 1.35 -12.58 -8.27
CA ALA C 110 1.79 -13.91 -7.86
C ALA C 110 2.43 -13.86 -6.48
N LEU C 111 2.21 -14.91 -5.70
CA LEU C 111 2.85 -15.06 -4.40
C LEU C 111 4.04 -16.00 -4.49
N VAL C 112 5.10 -15.70 -3.75
CA VAL C 112 6.26 -16.57 -3.72
C VAL C 112 6.42 -17.11 -2.30
N PHE C 113 6.37 -18.44 -2.18
CA PHE C 113 6.43 -19.12 -0.89
C PHE C 113 7.74 -19.85 -0.70
N GLU C 114 8.15 -20.03 0.54
CA GLU C 114 9.30 -20.89 0.82
C GLU C 114 8.97 -22.29 0.32
N HIS C 115 9.98 -22.99 -0.21
CA HIS C 115 9.77 -24.33 -0.72
C HIS C 115 9.61 -25.40 0.34
N VAL C 116 8.67 -26.33 0.16
CA VAL C 116 8.62 -27.45 1.07
C VAL C 116 8.38 -28.68 0.23
N ASN C 117 9.18 -29.72 0.41
CA ASN C 117 8.95 -30.95 -0.33
C ASN C 117 7.69 -31.64 0.18
N ASN C 118 6.69 -31.86 -0.67
CA ASN C 118 5.52 -32.51 -0.11
C ASN C 118 5.65 -34.02 -0.35
N THR C 119 5.17 -34.80 0.60
CA THR C 119 4.91 -36.23 0.40
C THR C 119 3.40 -36.20 0.39
N ASP C 120 2.72 -36.86 -0.54
CA ASP C 120 1.30 -36.60 -0.50
C ASP C 120 0.56 -37.59 0.38
N PHE C 121 -0.56 -37.10 0.90
CA PHE C 121 -1.33 -37.77 1.94
C PHE C 121 -1.97 -39.11 1.60
N LYS C 122 -2.33 -39.34 0.34
CA LYS C 122 -2.91 -40.64 0.01
C LYS C 122 -1.89 -41.75 0.22
N GLN C 123 -0.63 -41.46 -0.09
CA GLN C 123 0.45 -42.43 0.10
C GLN C 123 0.97 -42.42 1.53
N LEU C 124 1.04 -41.24 2.12
CA LEU C 124 1.66 -41.07 3.43
C LEU C 124 0.81 -41.54 4.61
N TYR C 125 -0.47 -41.21 4.61
CA TYR C 125 -1.28 -41.43 5.81
C TYR C 125 -1.35 -42.90 6.22
N GLN C 126 -1.41 -43.77 5.21
CA GLN C 126 -1.50 -45.21 5.42
C GLN C 126 -0.21 -45.79 5.98
N THR C 127 0.86 -45.01 5.91
CA THR C 127 2.17 -45.46 6.35
C THR C 127 2.59 -44.88 7.70
N LEU C 128 1.78 -43.98 8.25
CA LEU C 128 2.14 -43.35 9.51
C LEU C 128 1.88 -44.27 10.69
N THR C 129 2.79 -44.28 11.66
CA THR C 129 2.55 -45.01 12.91
C THR C 129 1.61 -44.23 13.80
N ASP C 130 1.22 -44.84 14.91
CA ASP C 130 0.38 -44.20 15.91
C ASP C 130 1.05 -42.92 16.40
N TYR C 131 2.35 -43.01 16.68
CA TYR C 131 3.12 -41.86 17.16
C TYR C 131 3.17 -40.73 16.14
N ASP C 132 3.38 -41.08 14.88
CA ASP C 132 3.47 -40.09 13.81
C ASP C 132 2.19 -39.27 13.66
N ILE C 133 1.05 -39.95 13.80
CA ILE C 133 -0.23 -39.25 13.76
C ILE C 133 -0.31 -38.24 14.89
N ARG C 134 0.06 -38.66 16.09
CA ARG C 134 0.04 -37.77 17.25
C ARG C 134 1.02 -36.61 17.08
N PHE C 135 2.20 -36.91 16.57
CA PHE C 135 3.23 -35.90 16.35
C PHE C 135 2.77 -34.81 15.39
N TYR C 136 2.28 -35.22 14.23
CA TYR C 136 1.87 -34.28 13.20
C TYR C 136 0.60 -33.52 13.57
N MET C 137 -0.29 -34.18 14.31
CA MET C 137 -1.49 -33.51 14.82
C MET C 137 -1.10 -32.39 15.79
N TYR C 138 -0.08 -32.66 16.60
CA TYR C 138 0.41 -31.66 17.54
C TYR C 138 1.02 -30.47 16.80
N GLU C 139 1.73 -30.75 15.71
CA GLU C 139 2.33 -29.70 14.89
C GLU C 139 1.29 -28.80 14.23
N ILE C 140 0.20 -29.42 13.75
CA ILE C 140 -0.90 -28.67 13.15
C ILE C 140 -1.56 -27.76 14.19
N LEU C 141 -1.71 -28.27 15.40
CA LEU C 141 -2.30 -27.52 16.50
C LEU C 141 -1.48 -26.27 16.84
N LYS C 142 -0.15 -26.39 16.71
CA LYS C 142 0.74 -25.25 16.91
C LYS C 142 0.40 -24.11 15.96
N ALA C 143 0.17 -24.45 14.70
CA ALA C 143 -0.17 -23.46 13.68
C ALA C 143 -1.55 -22.86 13.95
N LEU C 144 -2.48 -23.71 14.35
CA LEU C 144 -3.85 -23.27 14.60
C LEU C 144 -3.96 -22.40 15.84
N ASP C 145 -3.30 -22.81 16.92
CA ASP C 145 -3.31 -22.02 18.15
C ASP C 145 -2.69 -20.66 17.90
N TYR C 146 -1.64 -20.65 17.09
CA TYR C 146 -0.97 -19.40 16.74
C TYR C 146 -1.87 -18.46 15.94
N CYS C 147 -2.43 -18.95 14.84
CA CYS C 147 -3.22 -18.10 13.96
C CYS C 147 -4.52 -17.63 14.64
N HIS C 148 -5.11 -18.49 15.46
CA HIS C 148 -6.26 -18.13 16.27
C HIS C 148 -5.91 -17.04 17.28
N SER C 149 -4.73 -17.15 17.89
CA SER C 149 -4.29 -16.16 18.87
C SER C 149 -4.01 -14.82 18.16
N MET C 150 -3.76 -14.90 16.87
CA MET C 150 -3.55 -13.71 16.05
C MET C 150 -4.86 -13.23 15.41
N GLY C 151 -5.97 -13.75 15.92
CA GLY C 151 -7.30 -13.32 15.49
C GLY C 151 -7.70 -13.79 14.10
N ILE C 152 -7.17 -14.93 13.68
CA ILE C 152 -7.40 -15.43 12.33
C ILE C 152 -7.87 -16.89 12.32
N MET C 153 -8.96 -17.16 11.60
CA MET C 153 -9.39 -18.52 11.33
C MET C 153 -8.99 -18.94 9.91
N HIS C 154 -8.48 -20.16 9.77
CA HIS C 154 -7.99 -20.63 8.48
C HIS C 154 -9.15 -20.94 7.52
N ARG C 155 -10.16 -21.65 8.02
CA ARG C 155 -11.37 -21.97 7.27
C ARG C 155 -11.19 -22.89 6.07
N ASP C 156 -10.06 -23.59 5.99
CA ASP C 156 -9.84 -24.55 4.92
C ASP C 156 -8.87 -25.65 5.32
N VAL C 157 -9.01 -26.12 6.56
CA VAL C 157 -8.14 -27.18 7.08
C VAL C 157 -8.51 -28.51 6.43
N LYS C 158 -7.53 -29.13 5.79
CA LYS C 158 -7.69 -30.43 5.13
C LYS C 158 -6.32 -30.97 4.79
N PRO C 159 -6.21 -32.29 4.51
CA PRO C 159 -4.90 -32.88 4.21
C PRO C 159 -4.16 -32.18 3.07
N HIS C 160 -4.89 -31.71 2.07
CA HIS C 160 -4.27 -31.03 0.93
C HIS C 160 -3.57 -29.73 1.34
N ASN C 161 -4.02 -29.13 2.43
CA ASN C 161 -3.45 -27.86 2.88
C ASN C 161 -2.46 -28.03 4.02
N VAL C 162 -2.02 -29.27 4.23
CA VAL C 162 -1.01 -29.57 5.23
C VAL C 162 0.19 -30.23 4.53
N MET C 163 1.25 -29.45 4.35
CA MET C 163 2.45 -29.97 3.70
C MET C 163 3.37 -30.63 4.73
N ILE C 164 3.79 -31.84 4.42
CA ILE C 164 4.64 -32.59 5.35
C ILE C 164 5.89 -33.11 4.65
N ASP C 165 7.04 -32.68 5.14
CA ASP C 165 8.31 -33.26 4.74
C ASP C 165 8.61 -34.35 5.76
N HIS C 166 8.22 -35.59 5.43
CA HIS C 166 8.27 -36.68 6.40
C HIS C 166 9.70 -37.08 6.79
N GLU C 167 10.65 -36.90 5.88
CA GLU C 167 12.05 -37.22 6.18
C GLU C 167 12.57 -36.36 7.32
N HIS C 168 12.27 -35.06 7.27
CA HIS C 168 12.74 -34.13 8.27
C HIS C 168 11.67 -33.81 9.31
N ARG C 169 10.54 -34.50 9.20
CA ARG C 169 9.43 -34.37 10.13
C ARG C 169 8.98 -32.92 10.35
N LYS C 170 8.96 -32.14 9.27
CA LYS C 170 8.52 -30.76 9.36
C LYS C 170 7.20 -30.59 8.66
N LEU C 171 6.37 -29.69 9.17
CA LEU C 171 5.02 -29.51 8.68
C LEU C 171 4.70 -28.05 8.46
N ARG C 172 3.95 -27.76 7.41
CA ARG C 172 3.52 -26.40 7.12
C ARG C 172 2.04 -26.35 6.77
N LEU C 173 1.33 -25.42 7.40
CA LEU C 173 -0.06 -25.17 7.05
C LEU C 173 -0.10 -24.12 5.95
N ILE C 174 -0.68 -24.48 4.81
CA ILE C 174 -0.66 -23.64 3.62
C ILE C 174 -2.03 -23.22 3.14
N ASP C 175 -2.05 -22.49 2.02
CA ASP C 175 -3.28 -22.01 1.39
C ASP C 175 -4.20 -21.25 2.34
N TRP C 176 -3.88 -19.97 2.53
CA TRP C 176 -4.63 -19.11 3.43
C TRP C 176 -5.61 -18.25 2.65
N GLY C 177 -5.97 -18.72 1.45
CA GLY C 177 -6.86 -17.98 0.57
C GLY C 177 -8.30 -17.88 1.06
N LEU C 178 -8.67 -18.73 2.02
CA LEU C 178 -10.01 -18.68 2.59
C LEU C 178 -10.01 -18.13 4.01
N ALA C 179 -8.81 -17.86 4.53
CA ALA C 179 -8.67 -17.40 5.91
C ALA C 179 -9.31 -16.03 6.12
N GLU C 180 -9.71 -15.76 7.36
CA GLU C 180 -10.47 -14.56 7.67
C GLU C 180 -10.20 -14.08 9.10
N PHE C 181 -10.32 -12.77 9.31
CA PHE C 181 -10.18 -12.18 10.66
C PHE C 181 -11.44 -12.40 11.47
N TYR C 182 -11.29 -12.81 12.73
CA TYR C 182 -12.44 -12.96 13.60
C TYR C 182 -12.79 -11.67 14.32
N HIS C 183 -14.03 -11.23 14.16
CA HIS C 183 -14.56 -10.09 14.91
C HIS C 183 -15.82 -10.54 15.63
N PRO C 184 -15.83 -10.39 16.96
CA PRO C 184 -16.95 -10.87 17.78
C PRO C 184 -18.29 -10.29 17.35
N GLY C 185 -19.24 -11.16 17.00
CA GLY C 185 -20.56 -10.71 16.60
C GLY C 185 -20.73 -10.63 15.10
N GLN C 186 -19.64 -10.83 14.36
CA GLN C 186 -19.70 -10.72 12.91
C GLN C 186 -20.29 -11.99 12.28
N GLU C 187 -21.14 -11.78 11.29
CA GLU C 187 -21.71 -12.89 10.54
C GLU C 187 -20.88 -13.13 9.30
N TYR C 188 -20.46 -14.38 9.09
CA TYR C 188 -19.56 -14.69 7.99
C TYR C 188 -20.21 -15.52 6.89
N ASN C 189 -19.58 -15.49 5.72
CA ASN C 189 -19.98 -16.33 4.61
C ASN C 189 -19.76 -17.80 4.99
N VAL C 190 -20.77 -18.63 4.77
CA VAL C 190 -20.68 -20.04 5.10
C VAL C 190 -20.11 -20.89 3.97
N ARG C 191 -19.88 -20.26 2.82
CA ARG C 191 -19.28 -20.97 1.70
C ARG C 191 -17.77 -21.03 1.84
N VAL C 192 -17.30 -21.74 2.87
CA VAL C 192 -15.87 -21.92 3.09
C VAL C 192 -15.57 -23.38 3.37
N ALA C 193 -14.27 -23.69 3.48
CA ALA C 193 -13.79 -25.06 3.68
C ALA C 193 -14.16 -26.00 2.53
N SER C 194 -13.56 -27.19 2.54
CA SER C 194 -13.93 -28.23 1.59
C SER C 194 -15.11 -29.00 2.17
N ARG C 195 -15.99 -29.49 1.30
CA ARG C 195 -17.25 -30.11 1.72
C ARG C 195 -17.10 -31.11 2.86
N TYR C 196 -16.11 -31.99 2.73
CA TYR C 196 -15.90 -33.08 3.69
C TYR C 196 -15.44 -32.55 5.04
N PHE C 197 -15.01 -31.30 5.07
CA PHE C 197 -14.44 -30.70 6.27
C PHE C 197 -15.24 -29.51 6.78
N LYS C 198 -16.41 -29.28 6.19
CA LYS C 198 -17.30 -28.21 6.62
C LYS C 198 -17.91 -28.55 7.98
N GLY C 199 -17.86 -27.61 8.91
CA GLY C 199 -18.50 -27.80 10.20
C GLY C 199 -20.00 -27.76 10.06
N PRO C 200 -20.72 -28.38 11.01
CA PRO C 200 -22.19 -28.36 11.01
C PRO C 200 -22.73 -26.93 10.97
N GLU C 201 -22.04 -25.98 11.58
CA GLU C 201 -22.48 -24.59 11.57
C GLU C 201 -22.59 -24.04 10.15
N LEU C 202 -21.69 -24.48 9.27
CA LEU C 202 -21.73 -24.07 7.88
C LEU C 202 -22.90 -24.74 7.16
N LEU C 203 -23.12 -26.01 7.48
CA LEU C 203 -24.11 -26.82 6.80
C LEU C 203 -25.55 -26.45 7.18
N VAL C 204 -25.74 -25.96 8.40
CA VAL C 204 -27.07 -25.51 8.82
C VAL C 204 -27.23 -24.00 8.67
N ASP C 205 -26.22 -23.38 8.07
CA ASP C 205 -26.23 -21.94 7.79
C ASP C 205 -26.29 -21.07 9.05
N TYR C 206 -25.38 -21.33 9.98
CA TYR C 206 -25.22 -20.48 11.14
C TYR C 206 -23.99 -19.60 10.93
N GLN C 207 -24.20 -18.29 10.74
CA GLN C 207 -23.14 -17.41 10.25
C GLN C 207 -22.19 -16.85 11.30
N MET C 208 -22.61 -16.84 12.57
CA MET C 208 -21.79 -16.23 13.61
C MET C 208 -20.80 -17.22 14.22
N TYR C 209 -20.00 -17.84 13.36
CA TYR C 209 -19.04 -18.85 13.80
C TYR C 209 -17.66 -18.24 14.10
N ASP C 210 -16.72 -19.07 14.52
CA ASP C 210 -15.39 -18.60 14.96
C ASP C 210 -14.29 -19.62 14.71
N TYR C 211 -13.20 -19.50 15.46
CA TYR C 211 -12.02 -20.36 15.30
C TYR C 211 -12.36 -21.86 15.41
N SER C 212 -13.41 -22.16 16.17
CA SER C 212 -13.80 -23.55 16.43
C SER C 212 -14.16 -24.32 15.15
N LEU C 213 -14.40 -23.57 14.08
CA LEU C 213 -14.63 -24.16 12.77
C LEU C 213 -13.42 -24.99 12.34
N ASP C 214 -12.23 -24.44 12.58
CA ASP C 214 -11.00 -25.14 12.21
C ASP C 214 -10.83 -26.43 13.02
N MET C 215 -11.36 -26.44 14.23
CA MET C 215 -11.21 -27.59 15.10
C MET C 215 -12.09 -28.75 14.66
N TRP C 216 -13.24 -28.44 14.09
CA TRP C 216 -14.08 -29.48 13.49
C TRP C 216 -13.35 -30.12 12.32
N SER C 217 -12.78 -29.28 11.46
CA SER C 217 -12.06 -29.73 10.28
C SER C 217 -10.89 -30.61 10.68
N LEU C 218 -10.20 -30.21 11.74
CA LEU C 218 -9.10 -31.00 12.28
C LEU C 218 -9.59 -32.35 12.78
N GLY C 219 -10.78 -32.36 13.36
CA GLY C 219 -11.40 -33.58 13.84
C GLY C 219 -11.68 -34.55 12.71
N CYS C 220 -12.11 -34.01 11.56
CA CYS C 220 -12.35 -34.82 10.38
C CYS C 220 -11.06 -35.48 9.86
N MET C 221 -9.97 -34.72 9.89
CA MET C 221 -8.67 -35.22 9.49
C MET C 221 -8.23 -36.36 10.40
N LEU C 222 -8.34 -36.14 11.71
CA LEU C 222 -7.94 -37.13 12.70
C LEU C 222 -8.73 -38.43 12.53
N ALA C 223 -10.03 -38.30 12.36
CA ALA C 223 -10.90 -39.45 12.18
C ALA C 223 -10.46 -40.27 10.97
N SER C 224 -10.14 -39.57 9.88
CA SER C 224 -9.74 -40.21 8.63
C SER C 224 -8.40 -40.94 8.81
N MET C 225 -7.55 -40.42 9.69
CA MET C 225 -6.23 -40.98 9.88
C MET C 225 -6.19 -42.21 10.79
N ILE C 226 -6.91 -42.13 11.91
CA ILE C 226 -6.92 -43.23 12.87
C ILE C 226 -7.85 -44.37 12.46
N PHE C 227 -8.81 -44.07 11.60
CA PHE C 227 -9.79 -45.06 11.15
C PHE C 227 -9.52 -45.60 9.75
N ARG C 228 -8.55 -44.99 9.05
CA ARG C 228 -8.23 -45.35 7.67
C ARG C 228 -9.46 -45.22 6.77
N LYS C 229 -10.12 -44.07 6.83
CA LYS C 229 -11.31 -43.80 6.03
C LYS C 229 -11.25 -42.36 5.54
N GLU C 230 -10.75 -42.16 4.33
CA GLU C 230 -10.51 -40.81 3.83
C GLU C 230 -11.34 -40.52 2.58
N PRO C 231 -12.18 -39.48 2.63
CA PRO C 231 -12.45 -38.65 3.82
C PRO C 231 -13.43 -39.36 4.76
N PHE C 232 -13.46 -38.92 6.02
CA PHE C 232 -14.30 -39.60 7.00
C PHE C 232 -15.80 -39.36 6.77
N PHE C 233 -16.20 -38.11 6.62
CA PHE C 233 -17.58 -37.80 6.27
C PHE C 233 -17.63 -37.48 4.78
N HIS C 234 -18.20 -38.40 4.01
CA HIS C 234 -18.08 -38.37 2.55
C HIS C 234 -19.42 -38.08 1.89
N GLY C 235 -19.90 -36.85 1.98
CA GLY C 235 -21.18 -36.50 1.39
C GLY C 235 -21.05 -36.19 -0.09
N HIS C 236 -22.13 -36.43 -0.83
CA HIS C 236 -22.14 -36.15 -2.26
C HIS C 236 -22.55 -34.71 -2.58
N ASP C 237 -23.22 -34.06 -1.63
CA ASP C 237 -23.45 -32.62 -1.71
C ASP C 237 -23.57 -32.04 -0.31
N ASN C 238 -23.78 -30.73 -0.21
CA ASN C 238 -23.84 -30.06 1.10
C ASN C 238 -24.95 -30.63 1.99
N TYR C 239 -26.08 -30.96 1.38
CA TYR C 239 -27.19 -31.54 2.12
C TYR C 239 -26.83 -32.93 2.63
N ASP C 240 -26.30 -33.76 1.75
CA ASP C 240 -25.91 -35.12 2.12
C ASP C 240 -24.78 -35.10 3.16
N GLN C 241 -23.95 -34.06 3.11
CA GLN C 241 -22.83 -33.94 4.06
C GLN C 241 -23.31 -33.91 5.51
N LEU C 242 -24.38 -33.17 5.78
CA LEU C 242 -24.93 -33.12 7.12
C LEU C 242 -25.54 -34.46 7.48
N VAL C 243 -26.15 -35.11 6.50
CA VAL C 243 -26.69 -36.45 6.69
C VAL C 243 -25.60 -37.44 7.10
N ARG C 244 -24.44 -37.34 6.44
CA ARG C 244 -23.32 -38.23 6.74
C ARG C 244 -22.84 -38.04 8.17
N ILE C 245 -22.81 -36.79 8.60
CA ILE C 245 -22.44 -36.46 9.98
C ILE C 245 -23.48 -36.96 10.96
N ALA C 246 -24.75 -36.73 10.63
CA ALA C 246 -25.86 -37.12 11.50
C ALA C 246 -25.98 -38.64 11.67
N LYS C 247 -25.52 -39.38 10.68
CA LYS C 247 -25.54 -40.84 10.76
C LYS C 247 -24.49 -41.36 11.74
N VAL C 248 -23.56 -40.50 12.12
CA VAL C 248 -22.53 -40.86 13.09
C VAL C 248 -22.78 -40.24 14.45
N LEU C 249 -22.97 -38.92 14.49
CA LEU C 249 -23.16 -38.23 15.76
C LEU C 249 -24.59 -38.32 16.28
N GLY C 250 -25.52 -38.71 15.42
CA GLY C 250 -26.90 -38.84 15.84
C GLY C 250 -27.64 -37.52 15.61
N THR C 251 -28.97 -37.60 15.46
CA THR C 251 -29.79 -36.44 15.21
C THR C 251 -30.21 -35.75 16.51
N GLU C 252 -30.15 -36.50 17.60
CA GLU C 252 -30.52 -35.96 18.92
C GLU C 252 -29.62 -34.79 19.31
N ASP C 253 -28.31 -34.97 19.20
CA ASP C 253 -27.38 -33.90 19.52
C ASP C 253 -27.43 -32.77 18.49
N LEU C 254 -27.83 -33.11 17.26
CA LEU C 254 -27.99 -32.12 16.20
C LEU C 254 -29.13 -31.14 16.55
N TYR C 255 -30.27 -31.69 16.95
CA TYR C 255 -31.41 -30.85 17.31
C TYR C 255 -31.23 -30.10 18.63
N ASP C 256 -30.40 -30.64 19.52
CA ASP C 256 -30.00 -29.91 20.71
C ASP C 256 -29.24 -28.66 20.29
N TYR C 257 -28.34 -28.84 19.33
CA TYR C 257 -27.52 -27.76 18.78
C TYR C 257 -28.39 -26.71 18.11
N ILE C 258 -29.29 -27.19 17.25
CA ILE C 258 -30.25 -26.34 16.55
C ILE C 258 -31.13 -25.58 17.55
N ASP C 259 -31.56 -26.26 18.60
CA ASP C 259 -32.37 -25.63 19.64
C ASP C 259 -31.59 -24.56 20.40
N LYS C 260 -30.36 -24.87 20.78
CA LYS C 260 -29.54 -23.97 21.57
C LYS C 260 -29.33 -22.61 20.89
N TYR C 261 -29.11 -22.62 19.58
CA TYR C 261 -28.87 -21.37 18.86
C TYR C 261 -30.08 -20.88 18.07
N ASN C 262 -31.23 -21.52 18.30
CA ASN C 262 -32.47 -21.19 17.60
C ASN C 262 -32.26 -21.15 16.09
N ILE C 263 -31.60 -22.16 15.54
CA ILE C 263 -31.35 -22.21 14.11
C ILE C 263 -32.57 -22.72 13.35
N GLU C 264 -32.91 -22.04 12.26
CA GLU C 264 -33.97 -22.47 11.37
C GLU C 264 -33.40 -23.33 10.25
N LEU C 265 -33.63 -24.63 10.32
CA LEU C 265 -33.11 -25.58 9.35
C LEU C 265 -33.83 -25.43 8.01
N ASP C 266 -33.06 -25.39 6.93
CA ASP C 266 -33.62 -25.37 5.57
C ASP C 266 -34.62 -26.49 5.39
N PRO C 267 -35.84 -26.14 4.98
CA PRO C 267 -36.93 -27.12 4.80
C PRO C 267 -36.59 -28.21 3.79
N ARG C 268 -35.58 -27.98 2.97
CA ARG C 268 -35.13 -28.99 2.02
C ARG C 268 -34.49 -30.18 2.74
N PHE C 269 -34.19 -30.01 4.02
CA PHE C 269 -33.64 -31.10 4.84
C PHE C 269 -34.74 -32.05 5.31
N ASN C 270 -35.99 -31.59 5.26
CA ASN C 270 -37.11 -32.34 5.78
C ASN C 270 -37.22 -33.74 5.19
N ASP C 271 -37.04 -33.85 3.88
CA ASP C 271 -37.19 -35.13 3.20
C ASP C 271 -35.84 -35.82 3.06
N ILE C 272 -34.78 -35.24 3.63
CA ILE C 272 -33.45 -35.79 3.44
C ILE C 272 -32.66 -36.20 4.70
N LEU C 273 -32.87 -35.48 5.79
CA LEU C 273 -32.10 -35.69 7.04
C LEU C 273 -32.35 -36.97 7.83
N GLY C 274 -33.63 -37.32 7.92
CA GLY C 274 -34.10 -38.48 8.66
C GLY C 274 -33.87 -38.39 10.17
N ARG C 275 -33.86 -39.54 10.83
CA ARG C 275 -33.60 -39.65 12.27
C ARG C 275 -32.59 -40.74 12.56
N HIS C 276 -31.53 -40.43 13.30
CA HIS C 276 -30.45 -41.39 13.51
C HIS C 276 -29.91 -41.45 14.93
N SER C 277 -29.71 -42.67 15.43
CA SER C 277 -29.09 -42.87 16.71
C SER C 277 -27.60 -42.60 16.54
N ARG C 278 -26.94 -42.24 17.63
CA ARG C 278 -25.49 -42.05 17.62
C ARG C 278 -24.70 -43.34 17.49
N LYS C 279 -23.76 -43.35 16.55
CA LYS C 279 -22.93 -44.53 16.36
C LYS C 279 -21.72 -44.34 17.27
N ARG C 280 -21.38 -45.39 18.01
CA ARG C 280 -20.20 -45.38 18.88
C ARG C 280 -18.91 -45.35 18.09
N TRP C 281 -17.91 -44.63 18.61
CA TRP C 281 -16.65 -44.50 17.90
C TRP C 281 -15.96 -45.86 17.81
N GLU C 282 -16.26 -46.76 18.73
CA GLU C 282 -15.65 -48.10 18.72
C GLU C 282 -16.04 -48.88 17.47
N ARG C 283 -17.18 -48.49 16.88
CA ARG C 283 -17.71 -49.12 15.67
C ARG C 283 -16.80 -49.00 14.46
N PHE C 284 -15.93 -47.99 14.45
CA PHE C 284 -15.06 -47.76 13.30
C PHE C 284 -13.73 -48.45 13.43
N VAL C 285 -13.51 -49.18 14.51
CA VAL C 285 -12.25 -49.88 14.68
C VAL C 285 -12.37 -51.24 13.99
N HIS C 286 -11.38 -51.55 13.17
CA HIS C 286 -11.30 -52.86 12.51
C HIS C 286 -9.86 -53.29 12.34
N SER C 287 -9.66 -54.41 11.65
CA SER C 287 -8.34 -55.02 11.52
C SER C 287 -7.30 -54.12 10.87
N GLU C 288 -7.71 -53.26 9.93
CA GLU C 288 -6.73 -52.43 9.23
C GLU C 288 -6.28 -51.19 10.00
N ASN C 289 -7.08 -50.75 10.97
CA ASN C 289 -6.77 -49.52 11.70
C ASN C 289 -6.55 -49.62 13.21
N GLN C 290 -6.75 -50.81 13.77
CA GLN C 290 -6.77 -50.96 15.23
C GLN C 290 -5.48 -50.55 15.93
N HIS C 291 -4.35 -50.64 15.23
CA HIS C 291 -3.07 -50.25 15.81
C HIS C 291 -2.94 -48.72 15.93
N LEU C 292 -3.86 -48.00 15.31
CA LEU C 292 -3.84 -46.54 15.33
C LEU C 292 -4.84 -45.95 16.33
N VAL C 293 -5.68 -46.81 16.91
CA VAL C 293 -6.72 -46.34 17.82
C VAL C 293 -6.38 -46.69 19.26
N SER C 294 -6.64 -45.74 20.15
CA SER C 294 -6.42 -45.91 21.59
C SER C 294 -7.55 -45.20 22.33
N PRO C 295 -7.70 -45.46 23.63
CA PRO C 295 -8.69 -44.71 24.41
C PRO C 295 -8.46 -43.20 24.36
N GLU C 296 -7.21 -42.78 24.32
CA GLU C 296 -6.86 -41.37 24.24
C GLU C 296 -7.28 -40.76 22.91
N ALA C 297 -7.06 -41.49 21.83
CA ALA C 297 -7.40 -41.02 20.49
C ALA C 297 -8.91 -40.82 20.33
N LEU C 298 -9.68 -41.77 20.85
CA LEU C 298 -11.13 -41.70 20.76
C LEU C 298 -11.70 -40.57 21.61
N ASP C 299 -11.12 -40.38 22.79
CA ASP C 299 -11.55 -39.30 23.68
C ASP C 299 -11.23 -37.93 23.08
N PHE C 300 -10.04 -37.82 22.48
CA PHE C 300 -9.64 -36.58 21.83
C PHE C 300 -10.56 -36.27 20.66
N LEU C 301 -10.84 -37.29 19.85
CA LEU C 301 -11.72 -37.14 18.69
C LEU C 301 -13.13 -36.75 19.10
N ASP C 302 -13.61 -37.37 20.18
CA ASP C 302 -14.97 -37.13 20.68
C ASP C 302 -15.12 -35.67 21.07
N LYS C 303 -14.02 -35.05 21.51
CA LYS C 303 -14.05 -33.67 21.97
C LYS C 303 -13.79 -32.66 20.85
N LEU C 304 -13.53 -33.16 19.65
CA LEU C 304 -13.37 -32.29 18.49
C LEU C 304 -14.64 -32.30 17.64
N LEU C 305 -15.14 -33.51 17.37
CA LEU C 305 -16.30 -33.67 16.51
C LEU C 305 -17.59 -33.53 17.30
N ARG C 306 -17.94 -32.29 17.61
CA ARG C 306 -19.19 -32.00 18.32
C ARG C 306 -19.95 -30.95 17.53
N TYR C 307 -21.28 -31.10 17.47
CA TYR C 307 -22.14 -30.14 16.79
C TYR C 307 -21.91 -28.73 17.33
N ASP C 308 -22.00 -28.60 18.65
CA ASP C 308 -21.85 -27.31 19.29
C ASP C 308 -20.42 -26.80 19.18
N HIS C 309 -20.21 -25.82 18.31
CA HIS C 309 -18.89 -25.26 18.09
C HIS C 309 -18.27 -24.72 19.39
N GLN C 310 -19.12 -24.24 20.29
CA GLN C 310 -18.66 -23.73 21.57
C GLN C 310 -18.10 -24.83 22.48
N SER C 311 -18.60 -26.06 22.31
CA SER C 311 -18.21 -27.16 23.18
C SER C 311 -16.92 -27.87 22.73
N ARG C 312 -16.50 -27.62 21.50
CA ARG C 312 -15.28 -28.22 20.98
C ARG C 312 -14.05 -27.71 21.72
N LEU C 313 -13.02 -28.54 21.81
CA LEU C 313 -11.75 -28.12 22.38
C LEU C 313 -11.19 -26.98 21.54
N THR C 314 -10.58 -26.00 22.19
CA THR C 314 -9.81 -25.00 21.50
C THR C 314 -8.49 -25.65 21.11
N ALA C 315 -7.71 -24.98 20.26
CA ALA C 315 -6.42 -25.53 19.84
C ALA C 315 -5.50 -25.78 21.03
N ARG C 316 -5.46 -24.84 21.96
CA ARG C 316 -4.59 -24.95 23.14
C ARG C 316 -5.05 -26.07 24.08
N GLU C 317 -6.36 -26.16 24.29
CA GLU C 317 -6.92 -27.23 25.10
C GLU C 317 -6.60 -28.58 24.47
N ALA C 318 -6.62 -28.62 23.15
CA ALA C 318 -6.34 -29.85 22.41
C ALA C 318 -4.90 -30.30 22.63
N MET C 319 -3.99 -29.34 22.69
CA MET C 319 -2.57 -29.62 22.89
C MET C 319 -2.29 -30.13 24.30
N GLU C 320 -3.28 -29.96 25.18
CA GLU C 320 -3.14 -30.39 26.57
C GLU C 320 -3.80 -31.74 26.82
N HIS C 321 -4.36 -32.34 25.76
CA HIS C 321 -5.02 -33.64 25.88
C HIS C 321 -3.98 -34.75 26.09
N PRO C 322 -4.33 -35.76 26.91
CA PRO C 322 -3.48 -36.92 27.19
C PRO C 322 -2.98 -37.64 25.94
N TYR C 323 -3.70 -37.48 24.84
CA TYR C 323 -3.32 -38.06 23.55
C TYR C 323 -1.91 -37.62 23.13
N PHE C 324 -1.51 -36.42 23.55
CA PHE C 324 -0.21 -35.87 23.17
C PHE C 324 0.85 -35.93 24.27
N TYR C 325 0.56 -36.63 25.35
CA TYR C 325 1.47 -36.65 26.50
C TYR C 325 2.89 -37.09 26.13
N THR C 326 2.99 -38.16 25.34
CA THR C 326 4.29 -38.68 24.93
C THR C 326 4.97 -37.73 23.94
N VAL C 327 4.18 -37.13 23.06
CA VAL C 327 4.69 -36.16 22.11
C VAL C 327 5.27 -34.95 22.83
N VAL C 328 4.52 -34.43 23.79
CA VAL C 328 4.97 -33.30 24.57
C VAL C 328 6.23 -33.66 25.35
N LYS C 329 6.25 -34.85 25.96
CA LYS C 329 7.43 -35.23 26.70
C LYS C 329 8.63 -35.39 25.78
N ASP C 330 8.42 -35.93 24.58
CA ASP C 330 9.51 -36.04 23.60
C ASP C 330 9.79 -34.70 22.92
N GLN C 331 9.38 -33.60 23.56
CA GLN C 331 9.57 -32.27 23.01
C GLN C 331 10.54 -31.49 23.86
N ALA C 332 10.57 -31.84 25.15
CA ALA C 332 11.47 -31.19 26.09
C ALA C 332 12.85 -31.78 25.85
N ARG C 333 12.86 -32.98 25.28
CA ARG C 333 13.99 -33.53 24.54
C ARG C 333 15.35 -33.34 25.21
N GLY D 1 -2.06 -17.55 29.13
CA GLY D 1 -1.21 -17.20 28.02
C GLY D 1 -0.32 -16.01 28.33
N CYS D 2 0.66 -16.22 29.21
CA CYS D 2 1.58 -15.15 29.60
C CYS D 2 2.98 -15.42 29.07
N ARG D 3 3.06 -16.10 27.94
CA ARG D 3 4.34 -16.41 27.31
C ARG D 3 4.38 -15.91 25.87
N LEU D 4 5.50 -15.26 25.52
CA LEU D 4 5.68 -14.75 24.17
C LEU D 4 7.06 -15.15 23.65
N TYR D 5 7.07 -16.10 22.73
CA TYR D 5 8.30 -16.70 22.22
C TYR D 5 9.21 -17.18 23.35
N GLY D 6 8.61 -17.80 24.35
CA GLY D 6 9.34 -18.34 25.47
C GLY D 6 9.39 -17.40 26.66
N PHE D 7 9.43 -16.10 26.38
CA PHE D 7 9.51 -15.09 27.44
C PHE D 7 8.20 -14.96 28.20
N LYS D 8 8.30 -14.89 29.52
CA LYS D 8 7.13 -14.55 30.32
C LYS D 8 6.89 -13.06 30.21
N ILE D 9 5.62 -12.66 30.15
CA ILE D 9 5.29 -11.25 30.15
C ILE D 9 5.30 -10.73 31.57
N HIS D 10 6.11 -9.69 31.80
CA HIS D 10 6.30 -9.14 33.16
C HIS D 10 5.00 -8.73 33.82
N GLY D 11 4.64 -9.42 34.90
CA GLY D 11 3.46 -9.09 35.67
C GLY D 11 2.20 -9.79 35.20
N CYS D 12 2.31 -10.59 34.15
CA CYS D 12 1.15 -11.28 33.60
C CYS D 12 0.65 -12.39 34.53
N GLY D 13 -0.66 -12.64 34.47
CA GLY D 13 -1.32 -13.72 35.18
C GLY D 13 -0.76 -14.11 36.53
N GLY E 1 -39.51 52.26 -22.91
CA GLY E 1 -40.81 52.50 -23.50
C GLY E 1 -41.32 51.28 -24.23
N CYS E 2 -41.40 50.17 -23.50
CA CYS E 2 -41.70 48.83 -24.02
C CYS E 2 -40.57 48.29 -24.89
N ARG E 3 -39.41 48.92 -24.80
CA ARG E 3 -38.22 48.51 -25.55
C ARG E 3 -37.02 48.37 -24.63
N LEU E 4 -36.23 47.31 -24.85
CA LEU E 4 -35.00 47.09 -24.11
C LEU E 4 -33.92 46.52 -25.02
N TYR E 5 -32.95 47.36 -25.35
CA TYR E 5 -31.84 46.98 -26.22
C TYR E 5 -32.32 46.49 -27.58
N GLY E 6 -33.40 47.09 -28.08
CA GLY E 6 -33.95 46.72 -29.37
C GLY E 6 -35.08 45.72 -29.28
N PHE E 7 -35.09 44.94 -28.22
CA PHE E 7 -36.15 43.96 -27.99
C PHE E 7 -37.39 44.62 -27.43
N LYS E 8 -38.56 44.14 -27.87
CA LYS E 8 -39.80 44.56 -27.24
C LYS E 8 -39.94 43.87 -25.89
N ILE E 9 -40.56 44.55 -24.94
CA ILE E 9 -40.85 43.94 -23.65
C ILE E 9 -42.16 43.18 -23.74
N HIS E 10 -42.16 41.92 -23.31
CA HIS E 10 -43.35 41.08 -23.47
C HIS E 10 -44.53 41.58 -22.64
N GLY E 11 -45.65 41.81 -23.30
CA GLY E 11 -46.84 42.30 -22.62
C GLY E 11 -46.79 43.80 -22.41
N CYS E 12 -46.01 44.48 -23.24
CA CYS E 12 -45.89 45.93 -23.19
C CYS E 12 -46.52 46.54 -24.44
N GLY E 13 -46.85 47.83 -24.36
CA GLY E 13 -47.46 48.51 -25.48
C GLY E 13 -46.54 48.65 -26.67
N GLY F 1 7.97 -15.86 -27.47
CA GLY F 1 8.43 -15.49 -26.15
C GLY F 1 8.78 -16.68 -25.28
N CYS F 2 9.46 -16.42 -24.18
CA CYS F 2 9.85 -17.48 -23.25
C CYS F 2 9.28 -17.18 -21.87
N ARG F 3 8.05 -16.69 -21.83
CA ARG F 3 7.46 -16.25 -20.56
C ARG F 3 6.08 -16.82 -20.31
N LEU F 4 5.82 -17.14 -19.04
CA LEU F 4 4.53 -17.60 -18.58
C LEU F 4 4.13 -16.78 -17.36
N TYR F 5 3.14 -15.90 -17.53
CA TYR F 5 2.73 -14.95 -16.50
C TYR F 5 3.86 -14.02 -16.06
N GLY F 6 4.75 -13.70 -17.01
CA GLY F 6 5.84 -12.78 -16.73
C GLY F 6 7.15 -13.46 -16.39
N PHE F 7 7.05 -14.62 -15.72
CA PHE F 7 8.24 -15.35 -15.31
C PHE F 7 8.92 -16.03 -16.49
N LYS F 8 10.24 -16.12 -16.42
CA LYS F 8 10.99 -16.89 -17.41
C LYS F 8 11.07 -18.35 -16.98
N ILE F 9 11.19 -19.24 -17.95
CA ILE F 9 11.34 -20.66 -17.67
C ILE F 9 12.83 -20.97 -17.53
N HIS F 10 13.20 -21.57 -16.40
CA HIS F 10 14.61 -21.85 -16.11
C HIS F 10 15.28 -22.68 -17.19
N GLY F 11 16.30 -22.11 -17.83
CA GLY F 11 16.96 -22.75 -18.95
C GLY F 11 16.21 -22.50 -20.24
N CYS F 12 16.62 -21.46 -20.97
CA CYS F 12 15.93 -21.09 -22.20
C CYS F 12 16.82 -20.24 -23.11
N GLY F 13 16.44 -20.17 -24.38
CA GLY F 13 17.19 -19.39 -25.36
C GLY F 13 18.42 -20.11 -25.86
N GLY G 1 -5.09 -45.48 31.48
CA GLY G 1 -5.99 -46.62 31.57
C GLY G 1 -7.28 -46.39 30.82
N CYS G 2 -7.84 -47.45 30.25
CA CYS G 2 -9.07 -47.35 29.46
C CYS G 2 -10.28 -47.07 30.34
N ARG G 3 -10.17 -47.39 31.62
CA ARG G 3 -11.26 -47.19 32.57
C ARG G 3 -11.51 -45.70 32.84
N LEU G 4 -10.54 -44.87 32.44
CA LEU G 4 -10.64 -43.44 32.67
C LEU G 4 -11.27 -42.69 31.50
N TYR G 5 -11.67 -43.42 30.46
CA TYR G 5 -12.18 -42.79 29.25
C TYR G 5 -13.55 -43.31 28.80
N GLY G 6 -13.95 -44.46 29.34
CA GLY G 6 -15.26 -45.02 29.04
C GLY G 6 -15.44 -45.50 27.62
N PHE G 7 -14.38 -46.05 27.05
CA PHE G 7 -14.46 -46.65 25.71
C PHE G 7 -14.22 -48.15 25.74
N LYS G 8 -15.01 -48.88 24.97
CA LYS G 8 -14.95 -50.34 24.93
C LYS G 8 -13.78 -50.86 24.11
N ILE G 9 -12.56 -50.60 24.59
CA ILE G 9 -11.36 -51.07 23.91
C ILE G 9 -10.22 -51.21 24.92
N HIS G 10 -9.19 -51.98 24.55
CA HIS G 10 -8.04 -52.23 25.41
C HIS G 10 -8.41 -52.96 26.71
N GLY G 11 -9.49 -53.72 26.66
CA GLY G 11 -9.89 -54.55 27.79
C GLY G 11 -11.15 -54.10 28.52
N CYS G 12 -11.60 -52.88 28.25
CA CYS G 12 -12.76 -52.33 28.93
C CYS G 12 -14.08 -52.79 28.32
N GLY G 13 -15.05 -53.07 29.19
CA GLY G 13 -16.37 -53.50 28.76
C GLY G 13 -16.33 -54.85 28.06
C1 GOL H . 19.08 -3.04 18.20
C1 GOL H . 18.74 -3.27 17.75
O1 GOL H . 18.45 -3.86 17.24
O1 GOL H . 20.15 -3.36 17.78
C2 GOL H . 18.12 -2.76 19.35
C2 GOL H . 18.25 -2.88 19.14
O2 GOL H . 18.77 -2.00 20.34
O2 GOL H . 19.30 -2.28 19.87
C3 GOL H . 16.93 -1.97 18.81
C3 GOL H . 17.10 -1.89 19.00
O3 GOL H . 16.30 -1.29 19.88
O3 GOL H . 16.93 -1.19 20.22
C1 GOL I . 5.47 1.49 21.91
O1 GOL I . 6.27 2.65 21.92
C2 GOL I . 5.20 1.06 20.47
O2 GOL I . 5.47 -0.30 20.32
C3 GOL I . 3.74 1.33 20.15
O3 GOL I . 2.94 0.83 21.20
C1 GOL J . 25.76 -12.50 31.29
O1 GOL J . 25.76 -13.80 30.73
C2 GOL J . 24.32 -12.07 31.55
O2 GOL J . 23.94 -12.49 32.85
C3 GOL J . 24.22 -10.55 31.45
O3 GOL J . 22.87 -10.16 31.58
C1 GOL K . 24.34 0.10 25.25
O1 GOL K . 23.31 -0.81 25.55
C2 GOL K . 24.80 0.84 26.50
O2 GOL K . 24.24 0.26 27.65
C3 GOL K . 26.32 0.75 26.57
O3 GOL K . 26.84 0.70 25.26
C1 GOL L . 15.67 -2.41 7.91
O1 GOL L . 16.15 -1.60 8.95
C2 GOL L . 16.18 -1.87 6.57
O2 GOL L . 15.70 -2.67 5.52
C3 GOL L . 15.66 -0.44 6.39
O3 GOL L . 16.51 0.43 7.09
CL CL M . 35.39 5.46 7.18
CL CL N . 23.38 -9.25 3.02
C1 GOL O . -25.18 30.69 -22.32
C1 GOL O . -25.00 30.70 -22.17
O1 GOL O . -24.34 31.66 -21.74
O1 GOL O . -24.27 29.88 -23.05
C2 GOL O . -26.58 30.78 -21.74
C2 GOL O . -26.48 30.36 -22.27
O2 GOL O . -27.11 29.48 -21.58
O2 GOL O . -26.63 29.02 -22.69
C3 GOL O . -26.53 31.47 -20.38
C3 GOL O . -27.15 30.54 -20.91
O3 GOL O . -27.79 31.36 -19.74
O3 GOL O . -28.45 30.01 -20.97
C1 GOL P . -9.12 -25.53 -2.78
O1 GOL P . -8.03 -26.26 -2.25
C2 GOL P . -10.03 -25.12 -1.63
O2 GOL P . -10.41 -23.76 -1.80
C3 GOL P . -11.28 -25.99 -1.63
O3 GOL P . -11.77 -26.11 -0.31
C1 GOL Q . 2.47 -23.15 -0.39
O1 GOL Q . 2.97 -24.28 -1.07
C2 GOL Q . 1.35 -22.52 -1.22
O2 GOL Q . 0.86 -23.46 -2.15
C3 GOL Q . 0.24 -22.07 -0.30
O3 GOL Q . -0.91 -21.72 -1.06
C1 GOL R . -31.49 -35.45 25.24
O1 GOL R . -30.85 -34.75 24.20
C2 GOL R . -32.09 -34.46 26.24
O2 GOL R . -31.49 -34.63 27.50
C3 GOL R . -31.88 -33.04 25.75
O3 GOL R . -32.44 -32.87 24.47
CL CL S . -8.38 -22.33 19.21
#